data_5W3M
#
_entry.id   5W3M
#
_cell.length_a   1
_cell.length_b   1
_cell.length_c   1
_cell.angle_alpha   90
_cell.angle_beta   90
_cell.angle_gamma   90
#
_symmetry.space_group_name_H-M   'P 1'
#
loop_
_entity.id
_entity.type
_entity.pdbx_description
1 polymer 'C5 antibody variable heavy domain'
2 polymer 'C5 antibody variable light domain'
3 polymer 'viral protein 1'
4 polymer 'viral protein 3'
5 polymer 'viral protein 2'
6 polymer 'viral protein 4'
7 water water
#
loop_
_entity_poly.entity_id
_entity_poly.type
_entity_poly.pdbx_seq_one_letter_code
_entity_poly.pdbx_strand_id
1 'polypeptide(L)'
;AVQLAESGPALVAPSQALSITCTVAGFSLTAYGVAWVRQPPGAGLEWLGAIWAAGATDYNAALKSRASIAKDNSKSQVFL
AMASLATADTAAYYCAREWDAYGDYWGQGTTVTVSA
;
E
2 'polypeptide(L)'
;DIVLTQSPAALSAAAGATVAATCRASGNIHNALAWYQQKAGKSPQLLVYAAAALAAGVPSRFSGSGSGTAYALAINSLAA
DDFGAYYCQHFWSTPYTFGGGTKLEIK
;
G
3 'polypeptide(L)'
;GLGDELEEVIVEKTKQTVASISSGPKHTQKVPILTANETGATMPVLPSDSIETRTTYMHFNGSETDVECFLGRAACVHVT
EIQNKDATGIDNHREAKLFNDWKINLSSLVQLRKKLELFTYVRFDSEYTILATASQPDSANYSSNLVVQAMYVPPGAPNP
KEWDDYTWQSASNPSVFFKVGDTSRFSVPYVGLASAYNCFYDGYSHDDAETQYGITVLNHMGSMAFRIVNEHDEHKTLVK
IRVYHRAKHVEAWIPRAPRALPYTSIGRTNYPKNTEPVIKKRKGDIKSY
;
A
4 'polypeptide(L)'
;GLPTTTLPGSGQFLTTDDRQSPSALPNYEPTPRIHIPGKVHNLLEIIQVDTLIPMNNTHTKDEVNSYLIPLNANRQNEQV
FGTNLFIGDGVFKTTLLGEIVQYYTHWSGSLRFSLMYTGPALSSAKLILAYTPPGARGPQDRREAMLGTHVVWDIGLQST
IVMTIPWTSGVQFRYTDPDTYTSAGFLSCWYQTSLILPPETTGQVYLLSFISACPDFKLRLMKDTQTISQTVALTE
;
B
5 'polypeptide(L)'
;SPNVEACGYSDRVQQITLGNSTITTQEAANAVVCYAEWPEYLPDVDASDVNKTSKPDTSVCRFYTLDSKTWTTGSKGWCW
KLPDALKDMGVFGQNMFFHSLGRSGYTVHVQCNATKFHSGCLLVVVIPEHQLASHEGGNVSVKYTFTHPGERGIDLSSAN
EVGGPVKDVIYNMNGTLLGNLLIFPHQFINLRTNNTATIVIPYINSVPIDSMTRHNNVSLMVIPIAPLTVPTGATPSLPI
TVTIAPMCTEFSGIRSKSIVPQ
;
C
6 'polypeptide(L)' GAQVSTQKSGSHENQNILTNGSNQTFTVINYYKDAASTSSAGQSLSMDPSKFTEPVKDLMLKGAPALN D
#
# COMPACT_ATOMS: atom_id res chain seq x y z
N ALA A 1 32.50 -14.76 -9.42
CA ALA A 1 31.31 -15.45 -9.89
C ALA A 1 30.91 -16.56 -8.94
N VAL A 2 29.61 -16.82 -8.85
CA VAL A 2 29.11 -17.88 -7.98
C VAL A 2 29.18 -19.20 -8.73
N GLN A 3 29.97 -20.14 -8.19
CA GLN A 3 30.11 -21.46 -8.78
C GLN A 3 30.18 -22.50 -7.68
N LEU A 4 29.45 -23.60 -7.86
CA LEU A 4 29.56 -24.77 -7.02
C LEU A 4 30.16 -25.89 -7.87
N ALA A 5 31.16 -26.57 -7.33
CA ALA A 5 31.90 -27.58 -8.09
C ALA A 5 31.88 -28.90 -7.33
N GLU A 6 31.26 -29.91 -7.93
CA GLU A 6 31.19 -31.23 -7.34
C GLU A 6 32.50 -31.97 -7.59
N SER A 7 32.83 -32.89 -6.68
CA SER A 7 34.05 -33.68 -6.82
C SER A 7 33.83 -35.02 -6.14
N GLY A 8 33.75 -36.08 -6.94
CA GLY A 8 33.46 -37.40 -6.42
C GLY A 8 34.49 -38.43 -6.84
N PRO A 9 34.34 -39.67 -6.38
CA PRO A 9 35.29 -40.72 -6.74
C PRO A 9 34.96 -41.40 -8.06
N ALA A 10 33.71 -41.21 -8.52
CA ALA A 10 33.15 -41.64 -9.81
C ALA A 10 33.04 -43.16 -9.99
N LEU A 11 33.49 -43.94 -9.01
CA LEU A 11 33.36 -45.40 -9.06
C LEU A 11 33.40 -45.91 -7.63
N VAL A 12 32.31 -46.49 -7.17
CA VAL A 12 32.19 -46.96 -5.79
C VAL A 12 31.67 -48.39 -5.80
N ALA A 13 32.10 -49.14 -4.84
CA ALA A 13 31.62 -50.50 -4.68
C ALA A 13 30.40 -50.52 -3.75
N PRO A 14 29.50 -51.49 -3.87
CA PRO A 14 28.40 -51.59 -2.91
C PRO A 14 28.89 -52.06 -1.55
N SER A 15 28.10 -51.72 -0.52
CA SER A 15 28.46 -51.80 0.89
C SER A 15 29.75 -51.02 1.21
N GLN A 16 29.96 -49.93 0.48
CA GLN A 16 31.07 -49.01 0.72
C GLN A 16 30.51 -47.60 0.68
N ALA A 17 30.99 -46.74 1.57
CA ALA A 17 30.43 -45.41 1.72
C ALA A 17 30.88 -44.49 0.58
N LEU A 18 29.93 -43.73 0.03
CA LEU A 18 30.20 -42.68 -0.92
C LEU A 18 30.46 -41.36 -0.20
N SER A 19 31.40 -40.58 -0.72
CA SER A 19 31.76 -39.29 -0.12
C SER A 19 32.03 -38.29 -1.23
N ILE A 20 31.13 -37.34 -1.41
CA ILE A 20 31.22 -36.33 -2.45
C ILE A 20 31.38 -34.97 -1.79
N THR A 21 32.36 -34.19 -2.27
CA THR A 21 32.68 -32.89 -1.72
C THR A 21 32.19 -31.82 -2.67
N CYS A 22 31.61 -30.77 -2.13
CA CYS A 22 31.09 -29.66 -2.92
C CYS A 22 31.92 -28.42 -2.61
N THR A 23 32.96 -28.19 -3.42
CA THR A 23 33.71 -26.96 -3.30
C THR A 23 32.89 -25.80 -3.87
N VAL A 24 32.69 -24.77 -3.06
CA VAL A 24 31.90 -23.62 -3.47
C VAL A 24 32.83 -22.42 -3.60
N ALA A 25 32.36 -21.43 -4.36
CA ALA A 25 33.17 -20.25 -4.63
C ALA A 25 32.25 -19.07 -4.85
N GLY A 26 32.72 -17.90 -4.43
CA GLY A 26 31.98 -16.67 -4.61
C GLY A 26 30.95 -16.37 -3.55
N PHE A 27 30.79 -17.25 -2.55
CA PHE A 27 29.90 -16.96 -1.42
C PHE A 27 30.39 -17.73 -0.21
N SER A 28 29.81 -17.41 0.94
CA SER A 28 30.11 -18.09 2.19
C SER A 28 29.05 -19.13 2.47
N LEU A 29 29.49 -20.26 3.05
CA LEU A 29 28.55 -21.27 3.52
C LEU A 29 27.86 -20.87 4.82
N THR A 30 28.31 -19.80 5.47
CA THR A 30 27.61 -19.25 6.63
C THR A 30 26.42 -18.39 6.23
N ALA A 31 26.25 -18.11 4.95
CA ALA A 31 25.19 -17.23 4.48
C ALA A 31 24.19 -17.89 3.55
N TYR A 32 24.50 -19.07 3.01
CA TYR A 32 23.61 -19.72 2.06
C TYR A 32 23.59 -21.21 2.28
N GLY A 33 22.40 -21.80 2.21
CA GLY A 33 22.28 -23.23 2.23
C GLY A 33 22.77 -23.86 0.94
N VAL A 34 22.96 -25.18 0.98
CA VAL A 34 23.43 -25.94 -0.17
C VAL A 34 22.53 -27.17 -0.36
N ALA A 35 22.00 -27.35 -1.57
CA ALA A 35 21.13 -28.47 -1.91
C ALA A 35 21.86 -29.52 -2.73
N TRP A 36 21.53 -30.78 -2.46
CA TRP A 36 22.06 -31.92 -3.21
C TRP A 36 20.92 -32.58 -3.96
N VAL A 37 21.12 -32.82 -5.26
CA VAL A 37 20.13 -33.44 -6.14
C VAL A 37 20.86 -34.41 -7.05
N ARG A 38 20.33 -35.62 -7.21
CA ARG A 38 20.85 -36.62 -8.13
C ARG A 38 19.88 -36.85 -9.27
N GLN A 39 20.41 -37.45 -10.34
CA GLN A 39 19.58 -37.86 -11.47
C GLN A 39 20.15 -39.13 -12.08
N PRO A 40 19.48 -40.27 -11.92
CA PRO A 40 19.90 -41.46 -12.65
C PRO A 40 19.71 -41.26 -14.14
N PRO A 41 20.59 -41.84 -14.96
CA PRO A 41 20.57 -41.52 -16.40
C PRO A 41 19.32 -42.06 -17.08
N GLY A 42 18.52 -41.15 -17.60
CA GLY A 42 17.23 -41.48 -18.17
C GLY A 42 16.06 -41.00 -17.35
N ALA A 43 16.15 -41.11 -16.02
CA ALA A 43 15.05 -40.73 -15.15
C ALA A 43 15.16 -39.26 -14.75
N GLY A 44 14.34 -38.84 -13.80
CA GLY A 44 14.23 -37.45 -13.44
C GLY A 44 15.01 -37.07 -12.20
N LEU A 45 15.00 -35.77 -11.92
CA LEU A 45 15.70 -35.23 -10.76
C LEU A 45 15.05 -35.70 -9.47
N GLU A 46 15.89 -36.05 -8.49
CA GLU A 46 15.45 -36.40 -7.15
C GLU A 46 16.19 -35.52 -6.16
N TRP A 47 15.44 -34.93 -5.23
CA TRP A 47 16.03 -34.09 -4.19
C TRP A 47 16.63 -34.96 -3.10
N LEU A 48 17.93 -34.81 -2.87
CA LEU A 48 18.55 -35.60 -1.82
C LEU A 48 18.46 -34.94 -0.45
N GLY A 49 18.84 -33.67 -0.36
CA GLY A 49 18.86 -33.01 0.93
C GLY A 49 19.38 -31.61 0.82
N ALA A 50 19.51 -30.98 1.98
CA ALA A 50 19.93 -29.59 2.07
C ALA A 50 20.53 -29.35 3.44
N ILE A 51 21.73 -28.80 3.47
CA ILE A 51 22.28 -28.23 4.70
C ILE A 51 22.09 -26.73 4.63
N TRP A 52 21.42 -26.17 5.62
CA TRP A 52 21.10 -24.76 5.57
C TRP A 52 22.28 -23.93 6.05
N ALA A 53 22.13 -22.60 5.96
CA ALA A 53 23.26 -21.67 6.10
C ALA A 53 23.91 -21.70 7.48
N ALA A 54 23.26 -22.24 8.49
CA ALA A 54 23.91 -22.41 9.78
C ALA A 54 23.69 -23.81 10.34
N GLY A 55 23.93 -24.82 9.50
CA GLY A 55 24.25 -26.14 9.98
C GLY A 55 23.09 -27.09 10.14
N ALA A 56 21.86 -26.63 10.04
CA ALA A 56 20.73 -27.55 10.14
C ALA A 56 20.52 -28.26 8.80
N THR A 57 20.08 -29.50 8.88
CA THR A 57 19.92 -30.34 7.70
C THR A 57 18.50 -30.88 7.59
N ASP A 58 18.08 -31.08 6.35
CA ASP A 58 16.86 -31.81 6.01
C ASP A 58 17.19 -32.79 4.89
N TYR A 59 16.42 -33.89 4.85
CA TYR A 59 16.76 -35.02 3.99
C TYR A 59 15.50 -35.53 3.28
N ASN A 60 15.73 -36.46 2.34
CA ASN A 60 14.67 -37.35 1.87
C ASN A 60 14.03 -38.09 3.02
N ALA A 61 12.70 -38.26 2.91
CA ALA A 61 12.02 -39.14 3.85
C ALA A 61 12.43 -40.60 3.64
N ALA A 62 12.80 -40.95 2.41
CA ALA A 62 13.15 -42.32 2.08
C ALA A 62 14.62 -42.63 2.33
N LEU A 63 15.50 -41.63 2.23
CA LEU A 63 16.94 -41.84 2.37
C LEU A 63 17.50 -41.24 3.64
N LYS A 64 16.66 -41.01 4.66
CA LYS A 64 17.11 -40.27 5.85
C LYS A 64 18.08 -41.10 6.68
N SER A 65 17.81 -42.40 6.84
CA SER A 65 18.72 -43.27 7.57
C SER A 65 20.02 -43.52 6.82
N ARG A 66 20.07 -43.23 5.52
CA ARG A 66 21.13 -43.71 4.65
C ARG A 66 22.07 -42.59 4.19
N ALA A 67 21.71 -41.32 4.40
CA ALA A 67 22.49 -40.19 3.93
C ALA A 67 22.74 -39.21 5.07
N SER A 68 23.87 -38.52 4.99
CA SER A 68 24.22 -37.49 5.98
C SER A 68 24.98 -36.38 5.28
N ILE A 69 24.57 -35.15 5.52
CA ILE A 69 25.19 -33.98 4.91
C ILE A 69 25.85 -33.16 6.01
N ALA A 70 27.10 -32.77 5.80
CA ALA A 70 27.82 -31.87 6.67
C ALA A 70 28.58 -30.87 5.82
N LYS A 71 29.13 -29.84 6.47
CA LYS A 71 29.88 -28.82 5.73
C LYS A 71 31.05 -28.35 6.57
N ASP A 72 31.96 -27.65 5.92
CA ASP A 72 33.07 -26.98 6.59
C ASP A 72 33.11 -25.54 6.12
N ASN A 73 32.83 -24.61 7.04
CA ASN A 73 32.79 -23.20 6.70
C ASN A 73 34.18 -22.62 6.39
N SER A 74 35.24 -23.27 6.85
CA SER A 74 36.59 -22.78 6.58
C SER A 74 37.12 -23.24 5.24
N LYS A 75 36.81 -24.45 4.82
CA LYS A 75 37.27 -24.96 3.54
C LYS A 75 36.34 -24.62 2.39
N SER A 76 35.18 -24.03 2.69
CA SER A 76 34.09 -23.80 1.72
C SER A 76 33.70 -25.09 1.02
N GLN A 77 33.49 -26.14 1.80
CA GLN A 77 33.20 -27.46 1.27
C GLN A 77 31.96 -28.04 1.96
N VAL A 78 31.04 -28.56 1.17
CA VAL A 78 29.87 -29.27 1.67
C VAL A 78 30.04 -30.74 1.31
N PHE A 79 29.80 -31.62 2.28
CA PHE A 79 30.02 -33.04 2.11
C PHE A 79 28.69 -33.77 2.05
N LEU A 80 28.51 -34.60 1.03
CA LEU A 80 27.42 -35.57 0.95
C LEU A 80 28.00 -36.96 1.16
N ALA A 81 27.63 -37.60 2.26
CA ALA A 81 28.14 -38.91 2.62
C ALA A 81 26.99 -39.89 2.74
N MET A 82 26.88 -40.81 1.78
CA MET A 82 25.88 -41.87 1.80
C MET A 82 26.56 -43.20 2.08
N ALA A 83 25.97 -44.00 2.96
CA ALA A 83 26.48 -45.31 3.29
C ALA A 83 25.60 -46.40 2.68
N SER A 84 26.20 -47.59 2.51
CA SER A 84 25.53 -48.81 2.04
C SER A 84 24.84 -48.61 0.69
N LEU A 85 25.63 -48.32 -0.33
CA LEU A 85 25.09 -48.00 -1.63
C LEU A 85 24.58 -49.27 -2.33
N ALA A 86 23.29 -49.27 -2.65
CA ALA A 86 22.72 -50.30 -3.51
C ALA A 86 22.91 -49.87 -4.96
N THR A 87 22.34 -50.61 -5.90
CA THR A 87 22.51 -50.30 -7.31
C THR A 87 21.66 -49.13 -7.78
N ALA A 88 20.67 -48.71 -6.98
CA ALA A 88 19.83 -47.58 -7.34
C ALA A 88 20.53 -46.23 -7.17
N ASP A 89 21.71 -46.21 -6.56
CA ASP A 89 22.43 -44.97 -6.29
C ASP A 89 23.33 -44.54 -7.43
N THR A 90 23.16 -45.12 -8.62
CA THR A 90 23.92 -44.71 -9.80
C THR A 90 23.24 -43.51 -10.43
N ALA A 91 23.90 -42.36 -10.37
CA ALA A 91 23.30 -41.11 -10.82
C ALA A 91 24.39 -40.07 -11.01
N ALA A 92 24.01 -38.97 -11.64
CA ALA A 92 24.84 -37.76 -11.65
C ALA A 92 24.38 -36.87 -10.51
N TYR A 93 25.27 -36.57 -9.58
CA TYR A 93 24.89 -35.83 -8.39
C TYR A 93 25.27 -34.36 -8.55
N TYR A 94 24.36 -33.46 -8.16
CA TYR A 94 24.51 -32.04 -8.37
C TYR A 94 24.49 -31.27 -7.05
N CYS A 95 25.17 -30.14 -7.04
CA CYS A 95 25.12 -29.15 -5.97
C CYS A 95 24.31 -27.94 -6.40
N ALA A 96 23.62 -27.34 -5.44
CA ALA A 96 23.01 -26.04 -5.64
C ALA A 96 23.19 -25.21 -4.39
N ARG A 97 22.77 -23.97 -4.47
CA ARG A 97 22.78 -23.11 -3.31
C ARG A 97 21.40 -22.52 -3.07
N GLU A 98 21.21 -22.03 -1.86
CA GLU A 98 20.04 -21.26 -1.51
C GLU A 98 19.98 -19.98 -2.36
N TRP A 99 18.80 -19.69 -2.90
CA TRP A 99 18.58 -18.46 -3.63
C TRP A 99 17.09 -18.13 -3.55
N ASP A 100 16.76 -17.03 -2.87
CA ASP A 100 15.37 -16.63 -2.57
C ASP A 100 14.60 -17.76 -1.88
N ALA A 101 15.31 -18.52 -1.03
CA ALA A 101 14.95 -19.80 -0.41
C ALA A 101 14.80 -20.98 -1.38
N TYR A 102 15.31 -20.92 -2.62
CA TYR A 102 15.20 -22.03 -3.57
C TYR A 102 16.59 -22.54 -3.97
N GLY A 103 16.64 -23.41 -4.97
CA GLY A 103 17.89 -23.98 -5.45
C GLY A 103 18.18 -23.58 -6.89
N ASP A 104 19.42 -23.12 -7.12
CA ASP A 104 19.94 -22.86 -8.46
C ASP A 104 21.47 -22.86 -8.41
N TYR A 105 22.09 -22.29 -9.45
CA TYR A 105 23.55 -22.27 -9.66
C TYR A 105 24.10 -23.69 -9.60
N TRP A 106 23.47 -24.57 -10.37
CA TRP A 106 23.82 -25.97 -10.35
C TRP A 106 25.15 -26.19 -11.07
N GLY A 107 26.06 -26.89 -10.42
CA GLY A 107 27.34 -27.19 -11.01
C GLY A 107 27.22 -28.24 -12.10
N GLN A 108 28.37 -28.55 -12.70
CA GLN A 108 28.43 -29.51 -13.80
C GLN A 108 28.04 -30.91 -13.34
N GLY A 109 28.28 -31.24 -12.09
CA GLY A 109 27.90 -32.54 -11.57
C GLY A 109 29.00 -33.56 -11.74
N THR A 110 29.08 -34.46 -10.77
CA THR A 110 29.89 -35.66 -10.89
C THR A 110 28.98 -36.86 -11.09
N THR A 111 29.43 -37.79 -11.91
CA THR A 111 28.69 -39.01 -12.18
C THR A 111 29.18 -40.10 -11.24
N VAL A 112 28.24 -40.75 -10.55
CA VAL A 112 28.55 -41.83 -9.62
C VAL A 112 27.95 -43.11 -10.17
N THR A 113 28.77 -44.14 -10.30
CA THR A 113 28.34 -45.47 -10.69
C THR A 113 28.74 -46.47 -9.62
N VAL A 114 27.87 -47.43 -9.37
CA VAL A 114 28.15 -48.48 -8.39
C VAL A 114 27.78 -49.83 -8.99
N SER A 115 28.74 -50.77 -8.94
CA SER A 115 28.56 -52.11 -9.48
C SER A 115 29.62 -53.01 -8.85
N ALA A 116 29.63 -54.28 -9.27
CA ALA A 116 30.62 -55.23 -8.82
C ALA A 116 31.93 -55.07 -9.59
N ASP B 1 4.57 -34.89 4.14
CA ASP B 1 5.17 -35.16 2.84
C ASP B 1 4.26 -34.68 1.72
N ILE B 2 4.84 -34.01 0.74
CA ILE B 2 4.11 -33.45 -0.39
C ILE B 2 4.70 -34.02 -1.67
N VAL B 3 3.85 -34.62 -2.50
CA VAL B 3 4.30 -35.25 -3.74
C VAL B 3 3.74 -34.47 -4.91
N LEU B 4 4.57 -34.25 -5.92
CA LEU B 4 4.19 -33.47 -7.09
C LEU B 4 3.89 -34.41 -8.24
N THR B 5 2.77 -34.15 -8.93
CA THR B 5 2.32 -34.97 -10.03
C THR B 5 2.28 -34.11 -11.29
N GLN B 6 3.15 -34.43 -12.24
CA GLN B 6 3.36 -33.60 -13.41
C GLN B 6 2.82 -34.31 -14.65
N SER B 7 2.15 -33.53 -15.52
CA SER B 7 1.50 -34.06 -16.70
C SER B 7 1.67 -33.10 -17.86
N PRO B 8 1.86 -33.61 -19.09
CA PRO B 8 2.08 -35.02 -19.45
C PRO B 8 3.56 -35.37 -19.47
N ALA B 9 3.88 -36.65 -19.65
CA ALA B 9 5.28 -37.07 -19.66
C ALA B 9 5.98 -36.69 -20.96
N ALA B 10 5.23 -36.52 -22.05
CA ALA B 10 5.81 -36.17 -23.33
C ALA B 10 4.90 -35.23 -24.08
N LEU B 11 5.51 -34.26 -24.74
CA LEU B 11 4.82 -33.34 -25.64
C LEU B 11 5.64 -33.23 -26.92
N SER B 12 4.94 -33.27 -28.05
CA SER B 12 5.57 -33.18 -29.36
C SER B 12 4.87 -32.09 -30.16
N ALA B 13 5.62 -31.05 -30.52
CA ALA B 13 5.05 -29.94 -31.28
C ALA B 13 6.16 -29.28 -32.07
N ALA B 14 5.76 -28.38 -32.97
CA ALA B 14 6.69 -27.64 -33.80
C ALA B 14 7.11 -26.34 -33.12
N ALA B 15 8.12 -25.68 -33.70
CA ALA B 15 8.54 -24.37 -33.23
C ALA B 15 7.51 -23.32 -33.62
N GLY B 16 6.91 -22.67 -32.63
CA GLY B 16 5.83 -21.73 -32.84
C GLY B 16 4.52 -22.16 -32.22
N ALA B 17 4.36 -23.45 -31.94
CA ALA B 17 3.22 -23.92 -31.17
C ALA B 17 3.40 -23.57 -29.70
N THR B 18 2.31 -23.71 -28.95
CA THR B 18 2.27 -23.39 -27.53
C THR B 18 2.03 -24.66 -26.73
N VAL B 19 2.95 -24.98 -25.83
CA VAL B 19 2.82 -26.11 -24.93
C VAL B 19 2.45 -25.59 -23.54
N ALA B 20 1.99 -26.51 -22.69
CA ALA B 20 1.60 -26.15 -21.33
C ALA B 20 1.79 -27.37 -20.44
N ALA B 21 2.88 -27.39 -19.68
CA ALA B 21 3.08 -28.41 -18.66
C ALA B 21 2.20 -28.09 -17.44
N THR B 22 1.76 -29.14 -16.76
CA THR B 22 0.83 -29.02 -15.64
C THR B 22 1.44 -29.68 -14.41
N CYS B 23 1.42 -28.97 -13.29
CA CYS B 23 2.02 -29.45 -12.05
C CYS B 23 0.94 -29.47 -10.98
N ARG B 24 0.74 -30.62 -10.35
CA ARG B 24 -0.25 -30.75 -9.29
C ARG B 24 0.41 -31.33 -8.06
N ALA B 25 0.03 -30.82 -6.90
CA ALA B 25 0.63 -31.20 -5.64
C ALA B 25 -0.40 -31.86 -4.74
N SER B 26 0.07 -32.73 -3.85
CA SER B 26 -0.83 -33.38 -2.91
C SER B 26 -1.31 -32.43 -1.83
N GLY B 27 -0.62 -31.31 -1.61
CA GLY B 27 -1.04 -30.33 -0.63
C GLY B 27 -0.77 -28.92 -1.16
N ASN B 28 -1.25 -27.95 -0.42
CA ASN B 28 -1.10 -26.56 -0.84
C ASN B 28 0.35 -26.10 -0.70
N ILE B 29 0.83 -25.47 -1.76
CA ILE B 29 2.22 -25.07 -1.88
C ILE B 29 2.41 -23.58 -1.62
N HIS B 30 1.34 -22.78 -1.76
CA HIS B 30 1.36 -21.32 -1.57
C HIS B 30 2.37 -20.68 -2.52
N ASN B 31 2.35 -21.14 -3.77
CA ASN B 31 3.19 -20.69 -4.88
C ASN B 31 4.68 -20.86 -4.60
N ALA B 32 5.07 -21.77 -3.71
CA ALA B 32 6.48 -22.03 -3.45
C ALA B 32 6.98 -23.15 -4.37
N LEU B 33 6.90 -22.89 -5.66
CA LEU B 33 7.22 -23.85 -6.69
C LEU B 33 8.28 -23.24 -7.61
N ALA B 34 9.18 -24.08 -8.10
CA ALA B 34 10.14 -23.68 -9.12
C ALA B 34 9.97 -24.54 -10.36
N TRP B 35 10.35 -23.98 -11.51
CA TRP B 35 10.44 -24.73 -12.76
C TRP B 35 11.89 -24.77 -13.21
N TYR B 36 12.31 -25.94 -13.65
CA TYR B 36 13.67 -26.16 -14.13
C TYR B 36 13.60 -26.68 -15.55
N GLN B 37 14.54 -26.26 -16.40
CA GLN B 37 14.77 -26.97 -17.64
C GLN B 37 16.14 -27.64 -17.58
N GLN B 38 16.27 -28.72 -18.33
CA GLN B 38 17.51 -29.48 -18.34
C GLN B 38 17.75 -30.01 -19.74
N LYS B 39 18.84 -29.58 -20.35
CA LYS B 39 19.24 -30.13 -21.63
C LYS B 39 19.90 -31.50 -21.43
N ALA B 40 20.16 -32.18 -22.54
CA ALA B 40 20.79 -33.49 -22.48
C ALA B 40 22.26 -33.34 -22.13
N GLY B 41 22.69 -34.01 -21.06
CA GLY B 41 24.05 -33.89 -20.57
C GLY B 41 24.33 -32.51 -20.03
N LYS B 42 23.50 -32.05 -19.11
CA LYS B 42 23.50 -30.65 -18.71
C LYS B 42 22.92 -30.54 -17.32
N SER B 43 23.40 -29.55 -16.57
CA SER B 43 22.82 -29.24 -15.27
C SER B 43 21.43 -28.63 -15.47
N PRO B 44 20.54 -28.79 -14.50
CA PRO B 44 19.25 -28.06 -14.57
C PRO B 44 19.44 -26.56 -14.37
N GLN B 45 18.59 -25.78 -15.02
CA GLN B 45 18.62 -24.33 -14.98
C GLN B 45 17.30 -23.80 -14.43
N LEU B 46 17.36 -22.91 -13.46
CA LEU B 46 16.16 -22.32 -12.89
C LEU B 46 15.57 -21.31 -13.85
N LEU B 47 14.28 -21.47 -14.15
CA LEU B 47 13.58 -20.59 -15.09
C LEU B 47 12.48 -19.79 -14.43
N VAL B 48 11.64 -20.42 -13.63
CA VAL B 48 10.54 -19.76 -12.94
C VAL B 48 10.71 -20.01 -11.46
N TYR B 49 10.58 -18.96 -10.65
CA TYR B 49 10.57 -19.07 -9.21
C TYR B 49 9.33 -18.38 -8.68
N ALA B 50 8.87 -18.82 -7.51
CA ALA B 50 7.62 -18.39 -6.86
C ALA B 50 6.41 -18.59 -7.77
N ALA B 51 6.49 -19.61 -8.64
CA ALA B 51 5.47 -20.12 -9.55
C ALA B 51 5.08 -19.16 -10.67
N ALA B 52 5.54 -17.91 -10.62
CA ALA B 52 5.17 -16.91 -11.61
C ALA B 52 6.31 -16.01 -12.04
N ALA B 53 7.38 -15.86 -11.26
CA ALA B 53 8.43 -14.90 -11.56
C ALA B 53 9.50 -15.56 -12.43
N LEU B 54 9.83 -14.93 -13.54
CA LEU B 54 10.90 -15.45 -14.38
C LEU B 54 12.24 -15.15 -13.75
N ALA B 55 13.17 -16.09 -13.92
CA ALA B 55 14.52 -15.96 -13.39
C ALA B 55 15.35 -15.03 -14.25
N ALA B 56 16.64 -14.91 -13.96
CA ALA B 56 17.52 -14.06 -14.74
C ALA B 56 17.92 -14.75 -16.03
N GLY B 57 17.89 -14.00 -17.13
CA GLY B 57 18.24 -14.55 -18.43
C GLY B 57 17.20 -15.47 -19.02
N VAL B 58 15.94 -15.29 -18.65
CA VAL B 58 14.84 -16.12 -19.16
C VAL B 58 13.98 -15.25 -20.07
N PRO B 59 13.68 -15.68 -21.29
CA PRO B 59 12.89 -14.86 -22.21
C PRO B 59 11.42 -14.82 -21.79
N SER B 60 10.69 -13.90 -22.42
CA SER B 60 9.28 -13.64 -22.11
C SER B 60 8.32 -14.68 -22.70
N ARG B 61 8.84 -15.74 -23.33
CA ARG B 61 7.98 -16.82 -23.79
C ARG B 61 7.46 -17.63 -22.61
N PHE B 62 8.34 -17.93 -21.66
CA PHE B 62 7.97 -18.69 -20.49
C PHE B 62 7.08 -17.86 -19.59
N SER B 63 5.94 -18.43 -19.19
CA SER B 63 5.04 -17.76 -18.27
C SER B 63 4.57 -18.80 -17.26
N GLY B 64 4.92 -18.60 -16.00
CA GLY B 64 4.46 -19.47 -14.93
C GLY B 64 3.14 -18.97 -14.39
N SER B 65 2.17 -19.88 -14.32
CA SER B 65 0.85 -19.54 -13.82
C SER B 65 0.44 -20.59 -12.79
N GLY B 66 -0.71 -20.35 -12.18
CA GLY B 66 -1.27 -21.29 -11.24
C GLY B 66 -1.01 -20.91 -9.80
N SER B 67 -1.87 -21.39 -8.92
CA SER B 67 -1.77 -21.13 -7.50
C SER B 67 -2.38 -22.31 -6.75
N GLY B 68 -2.23 -22.29 -5.43
CA GLY B 68 -2.78 -23.34 -4.60
C GLY B 68 -2.07 -24.66 -4.75
N THR B 69 -2.73 -25.62 -5.39
CA THR B 69 -2.16 -26.93 -5.68
C THR B 69 -1.89 -27.18 -7.16
N ALA B 70 -2.46 -26.38 -8.05
CA ALA B 70 -2.30 -26.59 -9.49
C ALA B 70 -1.41 -25.49 -10.07
N TYR B 71 -0.41 -25.90 -10.84
CA TYR B 71 0.58 -24.97 -11.37
C TYR B 71 0.90 -25.33 -12.81
N ALA B 72 1.21 -24.30 -13.60
CA ALA B 72 1.34 -24.47 -15.04
C ALA B 72 2.48 -23.65 -15.59
N LEU B 73 3.36 -24.31 -16.35
CA LEU B 73 4.40 -23.64 -17.12
C LEU B 73 3.96 -23.61 -18.58
N ALA B 74 3.84 -22.41 -19.13
CA ALA B 74 3.35 -22.21 -20.49
C ALA B 74 4.45 -21.57 -21.32
N ILE B 75 4.77 -22.19 -22.46
CA ILE B 75 5.76 -21.67 -23.39
C ILE B 75 5.00 -21.22 -24.63
N ASN B 76 4.97 -19.92 -24.88
CA ASN B 76 4.22 -19.36 -26.00
C ASN B 76 5.14 -19.19 -27.20
N SER B 77 4.81 -19.89 -28.30
CA SER B 77 5.54 -19.88 -29.58
C SER B 77 7.00 -20.30 -29.39
N LEU B 78 7.15 -21.61 -29.10
CA LEU B 78 8.40 -22.33 -28.93
C LEU B 78 9.50 -21.92 -29.89
N ALA B 79 10.66 -21.61 -29.35
CA ALA B 79 11.87 -21.43 -30.14
C ALA B 79 12.72 -22.70 -30.05
N ALA B 80 13.86 -22.68 -30.76
CA ALA B 80 14.67 -23.88 -30.91
C ALA B 80 15.41 -24.28 -29.64
N ASP B 81 15.60 -23.36 -28.70
CA ASP B 81 16.28 -23.65 -27.45
C ASP B 81 15.35 -24.17 -26.36
N ASP B 82 14.08 -24.45 -26.68
CA ASP B 82 13.11 -24.80 -25.66
C ASP B 82 12.97 -26.30 -25.46
N PHE B 83 13.63 -27.12 -26.26
CA PHE B 83 13.44 -28.56 -26.20
C PHE B 83 14.29 -29.18 -25.10
N GLY B 84 13.70 -30.14 -24.38
CA GLY B 84 14.40 -30.85 -23.34
C GLY B 84 13.48 -31.15 -22.18
N ALA B 85 14.08 -31.34 -21.01
CA ALA B 85 13.33 -31.72 -19.82
C ALA B 85 12.73 -30.50 -19.13
N TYR B 86 11.64 -30.74 -18.40
CA TYR B 86 11.05 -29.73 -17.53
C TYR B 86 10.57 -30.39 -16.26
N TYR B 87 10.99 -29.85 -15.12
CA TYR B 87 10.70 -30.43 -13.82
C TYR B 87 10.03 -29.41 -12.91
N CYS B 88 9.03 -29.87 -12.17
CA CYS B 88 8.54 -29.15 -11.01
C CYS B 88 9.47 -29.36 -9.84
N GLN B 89 9.45 -28.41 -8.90
CA GLN B 89 9.92 -28.69 -7.55
C GLN B 89 9.22 -27.73 -6.61
N HIS B 90 8.61 -28.24 -5.55
CA HIS B 90 8.03 -27.37 -4.54
C HIS B 90 9.09 -27.11 -3.46
N PHE B 91 9.06 -25.90 -2.92
CA PHE B 91 10.00 -25.51 -1.87
C PHE B 91 9.26 -25.08 -0.62
N TRP B 92 8.09 -25.64 -0.41
CA TRP B 92 7.31 -25.49 0.80
C TRP B 92 7.55 -26.74 1.63
N SER B 93 8.16 -26.59 2.82
CA SER B 93 8.21 -27.65 3.83
C SER B 93 8.92 -28.94 3.41
N THR B 94 10.27 -28.98 3.55
CA THR B 94 11.16 -30.11 3.31
C THR B 94 10.53 -31.47 3.66
N PRO B 95 10.65 -32.49 2.80
CA PRO B 95 11.47 -32.58 1.57
C PRO B 95 10.98 -31.80 0.34
N TYR B 96 11.95 -31.32 -0.45
CA TYR B 96 11.71 -30.48 -1.62
C TYR B 96 11.59 -31.35 -2.86
N THR B 97 10.51 -32.12 -2.91
CA THR B 97 10.37 -33.16 -3.92
C THR B 97 10.14 -32.58 -5.32
N PHE B 98 10.59 -33.33 -6.33
CA PHE B 98 10.43 -32.96 -7.73
C PHE B 98 9.15 -33.53 -8.30
N GLY B 99 8.72 -32.95 -9.42
CA GLY B 99 7.73 -33.59 -10.26
C GLY B 99 8.36 -34.69 -11.12
N GLY B 100 7.51 -35.37 -11.87
CA GLY B 100 7.98 -36.51 -12.66
C GLY B 100 8.84 -36.09 -13.83
N GLY B 101 8.46 -35.04 -14.53
CA GLY B 101 9.21 -34.55 -15.68
C GLY B 101 8.34 -34.49 -16.92
N THR B 102 8.70 -33.60 -17.84
CA THR B 102 7.98 -33.41 -19.08
C THR B 102 8.98 -33.13 -20.18
N LYS B 103 8.93 -33.92 -21.25
CA LYS B 103 9.86 -33.79 -22.37
C LYS B 103 9.24 -32.95 -23.47
N LEU B 104 10.07 -32.18 -24.17
CA LEU B 104 9.68 -31.53 -25.42
C LEU B 104 10.58 -32.08 -26.52
N GLU B 105 10.00 -32.90 -27.40
CA GLU B 105 10.72 -33.42 -28.54
C GLU B 105 10.03 -32.96 -29.82
N ILE B 106 10.81 -32.87 -30.89
CA ILE B 106 10.40 -32.17 -32.11
C ILE B 106 9.38 -33.00 -32.86
N LYS B 107 8.28 -32.36 -33.28
CA LYS B 107 7.28 -33.00 -34.14
C LYS B 107 7.80 -33.15 -35.57
N THR C 17 11.14 21.28 24.51
CA THR C 17 10.55 19.96 24.43
C THR C 17 11.63 18.89 24.57
N VAL C 18 11.41 17.92 25.44
CA VAL C 18 12.33 16.81 25.61
C VAL C 18 12.18 15.85 24.44
N ALA C 19 13.29 15.55 23.77
CA ALA C 19 13.28 14.56 22.70
C ALA C 19 13.47 13.14 23.23
N SER C 20 14.35 12.97 24.21
CA SER C 20 14.55 11.69 24.86
C SER C 20 14.86 11.94 26.33
N ILE C 21 14.32 11.10 27.19
CA ILE C 21 14.62 11.16 28.60
C ILE C 21 15.82 10.29 28.88
N SER C 22 16.52 10.59 29.97
CA SER C 22 17.56 9.70 30.46
C SER C 22 16.91 8.44 31.03
N SER C 23 17.48 7.28 30.68
CA SER C 23 16.94 6.01 31.13
C SER C 23 18.09 5.02 31.28
N GLY C 24 18.04 4.24 32.33
CA GLY C 24 19.08 3.26 32.58
C GLY C 24 18.60 1.84 32.38
N PRO C 25 19.27 0.91 33.06
CA PRO C 25 18.90 -0.51 32.96
C PRO C 25 17.50 -0.79 33.49
N LYS C 26 16.79 -1.67 32.80
CA LYS C 26 15.49 -2.17 33.21
C LYS C 26 15.58 -3.67 33.45
N HIS C 27 14.90 -4.14 34.48
CA HIS C 27 14.62 -5.56 34.70
C HIS C 27 13.23 -5.59 35.31
N THR C 28 12.21 -5.71 34.46
CA THR C 28 10.88 -5.32 34.90
C THR C 28 9.82 -6.20 34.25
N GLN C 29 8.62 -6.19 34.87
CA GLN C 29 7.45 -6.84 34.30
C GLN C 29 6.67 -5.94 33.35
N LYS C 30 6.84 -4.62 33.45
CA LYS C 30 6.21 -3.72 32.49
C LYS C 30 7.03 -3.74 31.21
N VAL C 31 6.43 -4.27 30.15
CA VAL C 31 7.16 -4.50 28.91
C VAL C 31 6.50 -3.64 27.83
N PRO C 32 7.01 -2.42 27.60
CA PRO C 32 6.37 -1.52 26.62
C PRO C 32 6.51 -1.97 25.18
N ILE C 33 7.54 -2.75 24.84
CA ILE C 33 7.83 -3.08 23.45
C ILE C 33 7.10 -4.32 22.97
N LEU C 34 6.42 -5.04 23.83
CA LEU C 34 5.50 -6.08 23.42
C LEU C 34 4.11 -5.47 23.38
N THR C 35 3.40 -5.68 22.29
CA THR C 35 2.04 -5.19 22.17
C THR C 35 1.28 -6.12 21.25
N ALA C 36 0.14 -5.65 20.75
CA ALA C 36 -0.69 -6.42 19.84
C ALA C 36 -1.18 -5.43 18.78
N ASN C 37 -0.58 -5.46 17.59
CA ASN C 37 -1.07 -4.61 16.52
C ASN C 37 -2.37 -5.10 15.90
N GLU C 38 -2.94 -6.21 16.38
CA GLU C 38 -4.30 -6.59 16.02
C GLU C 38 -5.32 -5.56 16.48
N THR C 39 -5.01 -4.83 17.55
CA THR C 39 -5.92 -3.81 18.06
C THR C 39 -6.08 -2.63 17.13
N GLY C 40 -5.19 -2.47 16.16
CA GLY C 40 -5.21 -1.33 15.28
C GLY C 40 -4.67 -0.06 15.89
N ALA C 41 -4.09 -0.15 17.07
CA ALA C 41 -3.39 0.96 17.69
C ALA C 41 -1.89 0.73 17.57
N THR C 42 -1.17 1.78 17.22
CA THR C 42 0.28 1.77 17.32
C THR C 42 0.68 2.45 18.63
N MET C 43 1.33 1.68 19.51
CA MET C 43 1.70 2.20 20.81
C MET C 43 2.83 3.21 20.69
N PRO C 44 2.80 4.29 21.46
CA PRO C 44 3.89 5.29 21.41
C PRO C 44 5.13 4.84 22.16
N VAL C 45 5.82 3.86 21.59
CA VAL C 45 7.05 3.34 22.17
C VAL C 45 8.18 4.29 21.83
N LEU C 46 8.93 4.68 22.83
CA LEU C 46 10.06 5.58 22.75
C LEU C 46 11.35 4.78 22.72
N PRO C 47 12.47 5.37 22.31
CA PRO C 47 13.77 4.68 22.47
C PRO C 47 14.15 4.42 23.92
N SER C 48 13.67 5.21 24.88
CA SER C 48 13.92 4.91 26.28
C SER C 48 13.17 3.67 26.77
N ASP C 49 12.26 3.12 25.98
CA ASP C 49 11.59 1.88 26.32
C ASP C 49 12.43 0.64 26.07
N SER C 50 13.47 0.70 25.23
CA SER C 50 14.28 -0.50 25.03
C SER C 50 15.79 -0.30 24.98
N ILE C 51 16.31 0.92 24.92
CA ILE C 51 17.74 1.11 25.12
C ILE C 51 17.93 2.08 26.26
N GLU C 52 19.14 2.13 26.77
CA GLU C 52 19.51 3.17 27.71
C GLU C 52 19.77 4.46 26.95
N THR C 53 19.11 5.53 27.37
CA THR C 53 19.15 6.78 26.63
C THR C 53 19.75 7.88 27.50
N ARG C 54 20.20 8.92 26.82
CA ARG C 54 20.56 10.17 27.46
C ARG C 54 19.46 11.18 27.24
N THR C 55 19.56 12.31 27.95
CA THR C 55 18.60 13.39 27.75
C THR C 55 18.98 14.21 26.53
N THR C 56 18.03 14.38 25.60
CA THR C 56 18.18 15.29 24.48
C THR C 56 16.92 16.14 24.35
N TYR C 57 17.06 17.24 23.63
CA TYR C 57 15.97 18.18 23.42
C TYR C 57 15.65 18.26 21.94
N MET C 58 14.38 18.55 21.65
CA MET C 58 13.90 18.61 20.26
C MET C 58 14.54 19.75 19.49
N HIS C 59 14.47 20.97 20.02
CA HIS C 59 14.77 22.21 19.31
C HIS C 59 14.02 22.30 17.99
N PHE C 60 12.76 21.87 18.00
CA PHE C 60 12.06 21.64 16.74
C PHE C 60 10.57 21.65 17.03
N ASN C 61 9.85 22.50 16.32
CA ASN C 61 8.43 22.65 16.57
C ASN C 61 7.55 21.95 15.55
N GLY C 62 8.09 21.50 14.43
CA GLY C 62 7.29 20.84 13.42
C GLY C 62 6.49 21.76 12.53
N SER C 63 6.96 23.00 12.33
CA SER C 63 6.17 24.00 11.63
C SER C 63 6.04 23.72 10.14
N GLU C 64 7.06 23.13 9.54
CA GLU C 64 7.06 22.95 8.10
C GLU C 64 6.26 21.72 7.68
N THR C 65 5.81 20.91 8.62
CA THR C 65 4.90 19.81 8.35
C THR C 65 3.46 20.10 8.77
N ASP C 66 3.17 21.32 9.21
CA ASP C 66 1.79 21.81 9.30
C ASP C 66 1.11 21.70 7.94
N VAL C 67 -0.19 21.38 7.95
CA VAL C 67 -0.94 21.26 6.71
C VAL C 67 -1.12 22.62 6.05
N GLU C 68 -1.05 23.71 6.82
CA GLU C 68 -1.06 25.05 6.26
C GLU C 68 0.18 25.30 5.42
N CYS C 69 1.32 24.75 5.81
CA CYS C 69 2.57 24.91 5.07
C CYS C 69 2.72 23.85 3.98
N PHE C 70 2.33 22.61 4.28
CA PHE C 70 2.46 21.52 3.32
C PHE C 70 1.58 21.73 2.09
N LEU C 71 0.40 22.33 2.25
CA LEU C 71 -0.44 22.62 1.10
C LEU C 71 -0.41 24.07 0.70
N GLY C 72 0.42 24.89 1.36
CA GLY C 72 0.36 26.33 1.19
C GLY C 72 1.44 26.98 0.37
N ARG C 73 1.82 26.38 -0.74
CA ARG C 73 2.70 27.05 -1.69
C ARG C 73 2.13 26.90 -3.09
N ALA C 74 2.49 27.87 -3.95
CA ALA C 74 1.88 27.98 -5.26
C ALA C 74 2.35 26.85 -6.17
N ALA C 75 1.39 26.15 -6.76
CA ALA C 75 1.62 25.04 -7.66
C ALA C 75 0.95 25.35 -8.97
N CYS C 76 1.66 25.08 -10.08
CA CYS C 76 1.05 25.20 -11.39
C CYS C 76 -0.06 24.16 -11.52
N VAL C 77 -1.26 24.62 -11.87
CA VAL C 77 -2.42 23.73 -11.98
C VAL C 77 -2.99 23.68 -13.37
N HIS C 78 -2.61 24.60 -14.26
CA HIS C 78 -3.13 24.59 -15.61
C HIS C 78 -2.22 25.41 -16.52
N VAL C 79 -1.95 24.86 -17.69
CA VAL C 79 -1.29 25.57 -18.77
C VAL C 79 -2.26 25.58 -19.94
N THR C 80 -2.50 26.76 -20.51
CA THR C 80 -3.37 26.85 -21.67
C THR C 80 -2.77 27.80 -22.70
N GLU C 81 -3.18 27.60 -23.94
CA GLU C 81 -2.71 28.36 -25.08
C GLU C 81 -3.86 29.16 -25.69
N ILE C 82 -3.67 30.47 -25.81
CA ILE C 82 -4.56 31.31 -26.59
C ILE C 82 -3.75 32.08 -27.61
N GLN C 83 -4.42 32.48 -28.69
CA GLN C 83 -3.76 33.10 -29.82
C GLN C 83 -4.36 34.46 -30.09
N ASN C 84 -3.53 35.41 -30.51
CA ASN C 84 -3.98 36.67 -31.05
C ASN C 84 -3.74 36.61 -32.55
N LYS C 85 -4.82 36.60 -33.31
CA LYS C 85 -4.75 36.52 -34.76
C LYS C 85 -6.04 37.09 -35.32
N ASP C 86 -6.06 37.28 -36.63
CA ASP C 86 -7.25 37.80 -37.30
C ASP C 86 -8.36 36.76 -37.23
N ALA C 87 -9.53 37.20 -36.78
CA ALA C 87 -10.67 36.32 -36.50
C ALA C 87 -11.73 36.33 -37.60
N THR C 88 -11.42 36.85 -38.78
CA THR C 88 -12.42 37.00 -39.82
C THR C 88 -12.54 35.73 -40.64
N GLY C 89 -13.75 35.18 -40.71
CA GLY C 89 -13.98 33.92 -41.36
C GLY C 89 -13.75 32.71 -40.49
N ILE C 90 -13.45 32.89 -39.21
CA ILE C 90 -13.26 31.78 -38.29
C ILE C 90 -14.61 31.40 -37.71
N ASP C 91 -15.01 30.15 -37.91
CA ASP C 91 -16.32 29.71 -37.43
C ASP C 91 -16.32 29.48 -35.93
N ASN C 92 -15.33 28.73 -35.43
CA ASN C 92 -15.28 28.27 -34.05
C ASN C 92 -14.09 28.93 -33.38
N HIS C 93 -14.35 30.02 -32.64
CA HIS C 93 -13.27 30.76 -31.99
C HIS C 93 -12.63 29.95 -30.86
N ARG C 94 -13.39 29.04 -30.26
CA ARG C 94 -12.83 28.11 -29.28
C ARG C 94 -11.82 27.17 -29.93
N GLU C 95 -12.16 26.62 -31.11
CA GLU C 95 -11.27 25.68 -31.77
C GLU C 95 -10.04 26.38 -32.35
N ALA C 96 -10.18 27.64 -32.73
CA ALA C 96 -9.05 28.41 -33.23
C ALA C 96 -8.21 29.04 -32.12
N LYS C 97 -8.54 28.76 -30.86
CA LYS C 97 -7.81 29.23 -29.67
C LYS C 97 -7.80 30.74 -29.56
N LEU C 98 -8.85 31.39 -30.05
CA LEU C 98 -8.99 32.83 -29.86
C LEU C 98 -9.38 33.15 -28.43
N PHE C 99 -10.04 32.21 -27.76
CA PHE C 99 -10.17 32.21 -26.32
C PHE C 99 -10.03 30.77 -25.87
N ASN C 100 -9.95 30.58 -24.56
CA ASN C 100 -9.93 29.24 -24.01
C ASN C 100 -10.51 29.34 -22.62
N ASP C 101 -11.19 28.29 -22.18
CA ASP C 101 -11.66 28.26 -20.81
C ASP C 101 -11.25 26.96 -20.14
N TRP C 102 -11.23 27.01 -18.82
CA TRP C 102 -10.74 25.91 -18.01
C TRP C 102 -11.63 25.74 -16.81
N LYS C 103 -12.23 24.55 -16.68
CA LYS C 103 -12.87 24.18 -15.44
C LYS C 103 -11.79 24.02 -14.39
N ILE C 104 -11.87 24.84 -13.33
CA ILE C 104 -10.80 24.90 -12.33
C ILE C 104 -10.77 23.61 -11.55
N ASN C 105 -9.66 22.91 -11.63
CA ASN C 105 -9.47 21.73 -10.81
C ASN C 105 -8.02 21.69 -10.37
N LEU C 106 -7.79 20.99 -9.28
CA LEU C 106 -6.46 20.85 -8.71
C LEU C 106 -5.93 19.43 -8.89
N SER C 107 -6.47 18.72 -9.88
CA SER C 107 -6.14 17.34 -10.12
C SER C 107 -5.61 17.08 -11.52
N SER C 108 -5.46 18.12 -12.34
CA SER C 108 -4.94 17.93 -13.68
C SER C 108 -3.42 17.75 -13.68
N LEU C 109 -2.73 18.43 -12.78
CA LEU C 109 -1.29 18.29 -12.64
C LEU C 109 -1.00 17.55 -11.36
N VAL C 110 -0.19 16.49 -11.45
CA VAL C 110 -0.26 15.40 -10.48
C VAL C 110 0.63 15.59 -9.25
N GLN C 111 1.56 16.55 -9.26
CA GLN C 111 2.33 16.79 -8.05
C GLN C 111 1.48 17.44 -6.96
N LEU C 112 0.60 18.37 -7.33
CA LEU C 112 -0.32 18.92 -6.34
C LEU C 112 -1.42 17.94 -5.98
N ARG C 113 -1.86 17.14 -6.97
CA ARG C 113 -2.96 16.20 -6.75
C ARG C 113 -2.63 15.15 -5.71
N LYS C 114 -1.40 14.61 -5.75
CA LYS C 114 -0.99 13.61 -4.77
C LYS C 114 -0.93 14.18 -3.35
N LYS C 115 -0.57 15.46 -3.22
CA LYS C 115 -0.55 16.11 -1.91
C LYS C 115 -1.96 16.31 -1.37
N LEU C 116 -2.88 16.75 -2.22
CA LEU C 116 -4.26 16.97 -1.79
C LEU C 116 -4.96 15.66 -1.47
N GLU C 117 -4.60 14.60 -2.17
CA GLU C 117 -5.23 13.30 -1.99
C GLU C 117 -4.57 12.46 -0.90
N LEU C 118 -3.72 13.07 -0.08
CA LEU C 118 -3.42 12.49 1.22
C LEU C 118 -4.61 12.62 2.17
N PHE C 119 -5.57 13.47 1.85
CA PHE C 119 -6.70 13.74 2.71
C PHE C 119 -7.98 13.48 1.94
N THR C 120 -9.04 13.20 2.66
CA THR C 120 -10.34 12.98 2.05
C THR C 120 -11.09 14.29 1.85
N TYR C 121 -11.11 15.12 2.87
CA TYR C 121 -11.80 16.40 2.81
C TYR C 121 -10.79 17.49 3.04
N VAL C 122 -10.93 18.57 2.30
CA VAL C 122 -10.02 19.69 2.45
C VAL C 122 -10.80 20.99 2.24
N ARG C 123 -10.56 21.94 3.12
CA ARG C 123 -11.20 23.25 3.07
C ARG C 123 -10.10 24.29 3.05
N PHE C 124 -10.14 25.17 2.05
CA PHE C 124 -9.14 26.20 1.92
C PHE C 124 -9.67 27.34 1.07
N ASP C 125 -9.18 28.54 1.38
CA ASP C 125 -9.23 29.66 0.46
C ASP C 125 -8.18 29.46 -0.61
N SER C 126 -8.45 29.98 -1.80
CA SER C 126 -7.54 29.83 -2.92
C SER C 126 -6.84 31.16 -3.20
N GLU C 127 -5.58 31.08 -3.59
CA GLU C 127 -4.86 32.23 -4.10
C GLU C 127 -4.31 31.88 -5.48
N TYR C 128 -4.76 32.59 -6.49
CA TYR C 128 -4.39 32.32 -7.86
C TYR C 128 -3.34 33.30 -8.33
N THR C 129 -2.34 32.79 -9.02
CA THR C 129 -1.38 33.61 -9.72
C THR C 129 -1.39 33.15 -11.17
N ILE C 130 -1.62 34.08 -12.09
CA ILE C 130 -1.76 33.76 -13.51
C ILE C 130 -0.63 34.45 -14.25
N LEU C 131 0.28 33.66 -14.81
CA LEU C 131 1.38 34.17 -15.60
C LEU C 131 1.08 33.95 -17.08
N ALA C 132 1.24 35.00 -17.87
CA ALA C 132 1.05 34.93 -19.31
C ALA C 132 2.37 35.23 -19.99
N THR C 133 2.78 34.34 -20.89
CA THR C 133 4.00 34.49 -21.66
C THR C 133 3.68 34.40 -23.15
N ALA C 134 4.35 35.22 -23.96
CA ALA C 134 4.10 35.29 -25.38
C ALA C 134 5.27 34.71 -26.18
N SER C 135 4.97 34.34 -27.42
CA SER C 135 5.98 33.93 -28.39
C SER C 135 5.42 34.16 -29.79
N GLN C 136 6.31 34.46 -30.73
CA GLN C 136 5.96 34.60 -32.15
C GLN C 136 6.83 33.65 -32.97
N PRO C 137 6.36 32.44 -33.24
CA PRO C 137 7.19 31.46 -33.96
C PRO C 137 7.36 31.74 -35.45
N ASP C 138 6.53 32.55 -36.09
CA ASP C 138 6.60 32.71 -37.55
C ASP C 138 6.56 34.18 -37.99
N SER C 139 7.75 34.77 -38.12
CA SER C 139 8.01 36.00 -38.89
C SER C 139 7.22 37.19 -38.38
N ALA C 140 7.54 37.57 -37.15
CA ALA C 140 7.12 38.84 -36.59
C ALA C 140 8.30 39.81 -36.62
N ASN C 141 8.00 41.09 -36.58
CA ASN C 141 9.07 42.05 -36.54
C ASN C 141 8.98 43.02 -35.38
N TYR C 142 8.06 42.84 -34.42
CA TYR C 142 8.07 43.74 -33.29
C TYR C 142 7.57 43.10 -32.00
N SER C 143 7.49 43.97 -30.99
CA SER C 143 7.01 43.68 -29.65
C SER C 143 5.49 43.85 -29.58
N SER C 144 4.77 42.76 -29.44
CA SER C 144 3.34 42.88 -29.19
C SER C 144 3.05 43.08 -27.71
N ASN C 145 2.55 44.27 -27.39
CA ASN C 145 2.11 44.61 -26.04
C ASN C 145 0.68 44.11 -25.90
N LEU C 146 0.48 43.03 -25.17
CA LEU C 146 -0.83 42.41 -25.14
C LEU C 146 -1.40 42.40 -23.73
N VAL C 147 -2.73 42.49 -23.65
CA VAL C 147 -3.46 42.40 -22.40
C VAL C 147 -4.31 41.12 -22.43
N VAL C 148 -4.24 40.35 -21.35
CA VAL C 148 -5.08 39.17 -21.16
C VAL C 148 -6.24 39.52 -20.23
N GLN C 149 -7.44 39.12 -20.64
CA GLN C 149 -8.56 39.02 -19.72
C GLN C 149 -8.65 37.59 -19.19
N ALA C 150 -8.66 37.46 -17.88
CA ALA C 150 -9.00 36.20 -17.21
C ALA C 150 -10.30 36.42 -16.46
N MET C 151 -11.33 35.68 -16.83
CA MET C 151 -12.67 35.86 -16.27
C MET C 151 -13.08 34.63 -15.47
N TYR C 152 -13.32 34.82 -14.18
CA TYR C 152 -13.89 33.76 -13.35
C TYR C 152 -15.35 33.54 -13.74
N VAL C 153 -15.66 32.33 -14.20
CA VAL C 153 -16.99 32.02 -14.71
C VAL C 153 -17.62 30.97 -13.80
N PRO C 154 -18.58 31.35 -12.96
CA PRO C 154 -19.27 30.37 -12.12
C PRO C 154 -20.23 29.53 -12.93
N PRO C 155 -20.73 28.40 -12.40
CA PRO C 155 -21.74 27.61 -13.11
C PRO C 155 -23.04 28.37 -13.30
N GLY C 156 -23.54 28.35 -14.54
CA GLY C 156 -24.72 29.09 -14.88
C GLY C 156 -24.49 30.47 -15.46
N ALA C 157 -23.28 30.99 -15.33
CA ALA C 157 -22.92 32.20 -16.05
C ALA C 157 -22.81 31.87 -17.53
N PRO C 158 -23.14 32.81 -18.42
CA PRO C 158 -22.99 32.56 -19.87
C PRO C 158 -21.54 32.35 -20.25
N ASN C 159 -21.28 31.26 -20.92
CA ASN C 159 -19.93 30.97 -21.37
C ASN C 159 -19.67 31.67 -22.69
N PRO C 160 -18.45 32.15 -22.91
CA PRO C 160 -18.14 32.82 -24.17
C PRO C 160 -18.14 31.85 -25.35
N LYS C 161 -18.63 32.33 -26.49
CA LYS C 161 -18.56 31.62 -27.75
C LYS C 161 -17.67 32.31 -28.77
N GLU C 162 -17.56 33.63 -28.68
CA GLU C 162 -16.66 34.45 -29.49
C GLU C 162 -15.61 35.02 -28.55
N TRP C 163 -14.47 35.43 -29.12
CA TRP C 163 -13.47 36.06 -28.29
C TRP C 163 -13.86 37.48 -27.89
N ASP C 164 -14.83 38.06 -28.60
CA ASP C 164 -15.23 39.45 -28.43
C ASP C 164 -16.73 39.61 -28.28
N ASP C 165 -17.42 38.65 -27.67
CA ASP C 165 -18.88 38.72 -27.58
C ASP C 165 -19.31 39.48 -26.33
N TYR C 166 -20.62 39.47 -26.06
CA TYR C 166 -21.20 40.23 -24.96
C TYR C 166 -20.82 39.68 -23.59
N THR C 167 -20.35 38.44 -23.52
CA THR C 167 -20.10 37.79 -22.24
C THR C 167 -18.86 38.30 -21.53
N TRP C 168 -17.96 38.99 -22.23
CA TRP C 168 -16.69 39.41 -21.65
C TRP C 168 -16.78 40.75 -20.93
N GLN C 169 -17.94 41.39 -20.86
CA GLN C 169 -18.00 42.71 -20.27
C GLN C 169 -18.06 42.67 -18.74
N SER C 170 -18.26 41.48 -18.16
CA SER C 170 -17.96 41.15 -16.76
C SER C 170 -18.73 42.02 -15.77
N ALA C 171 -20.02 42.23 -16.03
CA ALA C 171 -20.79 43.09 -15.14
C ALA C 171 -21.05 42.43 -13.79
N SER C 172 -21.00 41.11 -13.73
CA SER C 172 -21.14 40.42 -12.46
C SER C 172 -20.07 39.34 -12.29
N ASN C 173 -19.46 38.90 -13.38
CA ASN C 173 -18.33 37.99 -13.25
C ASN C 173 -17.11 38.79 -12.83
N PRO C 174 -16.35 38.34 -11.84
CA PRO C 174 -15.04 38.93 -11.61
C PRO C 174 -14.10 38.58 -12.76
N SER C 175 -13.43 39.60 -13.28
CA SER C 175 -12.42 39.36 -14.28
C SER C 175 -11.17 40.16 -13.91
N VAL C 176 -10.04 39.79 -14.51
CA VAL C 176 -8.81 40.51 -14.26
C VAL C 176 -8.07 40.75 -15.59
N PHE C 177 -7.62 41.99 -15.77
CA PHE C 177 -6.81 42.44 -16.88
C PHE C 177 -5.38 42.57 -16.43
N PHE C 178 -4.46 42.03 -17.22
CA PHE C 178 -3.05 42.16 -16.91
C PHE C 178 -2.26 41.99 -18.20
N LYS C 179 -1.06 42.55 -18.22
CA LYS C 179 -0.23 42.52 -19.41
C LYS C 179 0.37 41.14 -19.61
N VAL C 180 0.67 40.82 -20.88
CA VAL C 180 1.40 39.59 -21.14
C VAL C 180 2.86 39.82 -20.83
N GLY C 181 3.45 38.90 -20.07
CA GLY C 181 4.82 39.07 -19.61
C GLY C 181 4.89 39.21 -18.11
N ASP C 182 3.98 39.96 -17.53
CA ASP C 182 3.87 39.96 -16.09
C ASP C 182 2.65 39.14 -15.70
N THR C 183 2.26 39.23 -14.44
CA THR C 183 1.36 38.25 -13.88
C THR C 183 0.13 38.91 -13.28
N SER C 184 -0.81 38.07 -12.88
CA SER C 184 -2.00 38.46 -12.16
C SER C 184 -2.02 37.74 -10.81
N ARG C 185 -2.79 38.28 -9.88
CA ARG C 185 -2.80 37.76 -8.51
C ARG C 185 -4.11 38.16 -7.84
N PHE C 186 -4.88 37.17 -7.42
CA PHE C 186 -6.09 37.40 -6.66
C PHE C 186 -6.36 36.18 -5.79
N SER C 187 -7.12 36.42 -4.73
CA SER C 187 -7.55 35.32 -3.88
C SER C 187 -9.02 35.05 -4.12
N VAL C 188 -9.40 33.79 -3.92
CA VAL C 188 -10.78 33.35 -4.00
C VAL C 188 -11.08 32.63 -2.70
N PRO C 189 -12.17 32.96 -2.01
CA PRO C 189 -12.54 32.19 -0.81
C PRO C 189 -12.91 30.75 -1.13
N TYR C 190 -12.99 29.96 -0.07
CA TYR C 190 -13.55 28.62 -0.16
C TYR C 190 -14.97 28.70 -0.71
N VAL C 191 -15.16 28.14 -1.89
CA VAL C 191 -16.43 28.22 -2.60
C VAL C 191 -17.12 26.87 -2.72
N GLY C 192 -16.76 25.92 -1.86
CA GLY C 192 -17.44 24.65 -1.87
C GLY C 192 -18.86 24.74 -1.35
N LEU C 193 -19.73 23.92 -1.92
CA LEU C 193 -21.11 23.85 -1.46
C LEU C 193 -21.19 23.23 -0.07
N ALA C 194 -20.37 22.22 0.18
CA ALA C 194 -20.32 21.54 1.46
C ALA C 194 -19.36 22.30 2.39
N SER C 195 -19.11 21.76 3.57
CA SER C 195 -18.17 22.35 4.51
C SER C 195 -16.71 22.17 4.11
N ALA C 196 -16.40 21.19 3.28
CA ALA C 196 -15.06 21.02 2.74
C ALA C 196 -15.21 20.54 1.31
N TYR C 197 -14.13 20.60 0.54
CA TYR C 197 -14.14 19.93 -0.75
C TYR C 197 -13.98 18.44 -0.55
N ASN C 198 -14.61 17.69 -1.43
CA ASN C 198 -14.38 16.25 -1.52
C ASN C 198 -13.23 16.00 -2.47
N CYS C 199 -12.12 15.50 -1.94
CA CYS C 199 -11.09 14.96 -2.81
C CYS C 199 -11.53 13.62 -3.40
N PHE C 200 -12.35 12.88 -2.67
CA PHE C 200 -12.83 11.58 -3.06
C PHE C 200 -14.33 11.55 -2.83
N TYR C 201 -15.05 10.91 -3.74
CA TYR C 201 -16.50 10.83 -3.63
C TYR C 201 -16.94 9.46 -4.14
N ASP C 202 -17.35 8.59 -3.23
CA ASP C 202 -17.81 7.24 -3.54
C ASP C 202 -19.31 7.28 -3.82
N GLY C 203 -19.66 7.82 -4.98
CA GLY C 203 -21.06 7.95 -5.27
C GLY C 203 -21.34 8.58 -6.61
N TYR C 204 -22.58 9.04 -6.73
CA TYR C 204 -23.18 9.45 -7.98
C TYR C 204 -23.94 10.73 -7.74
N SER C 205 -24.28 11.42 -8.82
CA SER C 205 -25.09 12.62 -8.66
C SER C 205 -26.54 12.27 -8.33
N HIS C 206 -27.00 11.10 -8.76
CA HIS C 206 -28.37 10.63 -8.52
C HIS C 206 -28.39 9.12 -8.75
N ASP C 207 -29.55 8.52 -8.49
CA ASP C 207 -29.72 7.07 -8.60
C ASP C 207 -30.08 6.72 -10.04
N ASP C 208 -29.10 6.22 -10.77
CA ASP C 208 -29.24 5.98 -12.21
C ASP C 208 -28.19 4.98 -12.63
N ALA C 209 -28.54 4.15 -13.62
CA ALA C 209 -27.67 3.06 -14.03
C ALA C 209 -26.44 3.54 -14.79
N GLU C 210 -26.54 4.66 -15.51
CA GLU C 210 -25.52 5.09 -16.43
C GLU C 210 -24.65 6.23 -15.92
N THR C 211 -25.12 7.01 -14.94
CA THR C 211 -24.50 8.28 -14.55
C THR C 211 -23.09 8.09 -14.00
N GLN C 212 -22.33 9.17 -14.04
CA GLN C 212 -20.89 9.08 -13.81
C GLN C 212 -20.56 8.89 -12.34
N TYR C 213 -19.57 8.05 -12.09
CA TYR C 213 -19.08 7.73 -10.75
C TYR C 213 -17.98 8.70 -10.35
N GLY C 214 -17.98 9.08 -9.09
CA GLY C 214 -16.85 9.82 -8.54
C GLY C 214 -16.79 11.30 -8.79
N ILE C 215 -17.01 11.73 -10.03
CA ILE C 215 -17.01 13.14 -10.36
C ILE C 215 -18.23 13.80 -9.76
N THR C 216 -18.00 14.77 -8.90
CA THR C 216 -19.05 15.41 -8.14
C THR C 216 -18.85 16.92 -8.23
N VAL C 217 -19.92 17.67 -8.02
CA VAL C 217 -19.80 19.11 -7.91
C VAL C 217 -19.38 19.56 -6.53
N LEU C 218 -19.13 18.63 -5.61
CA LEU C 218 -18.64 18.92 -4.27
C LEU C 218 -17.18 19.35 -4.24
N ASN C 219 -16.46 19.34 -5.36
CA ASN C 219 -15.16 19.98 -5.44
C ASN C 219 -15.09 20.99 -6.58
N HIS C 220 -16.22 21.58 -6.93
CA HIS C 220 -16.24 22.55 -8.01
C HIS C 220 -15.72 23.88 -7.47
N MET C 221 -14.74 24.44 -8.14
CA MET C 221 -14.10 25.66 -7.69
C MET C 221 -14.33 26.82 -8.65
N GLY C 222 -15.17 26.63 -9.66
CA GLY C 222 -15.42 27.63 -10.66
C GLY C 222 -14.74 27.29 -11.97
N SER C 223 -14.66 28.31 -12.82
CA SER C 223 -14.08 28.16 -14.15
C SER C 223 -13.50 29.50 -14.56
N MET C 224 -12.43 29.46 -15.34
CA MET C 224 -11.79 30.66 -15.84
C MET C 224 -11.76 30.63 -17.36
N ALA C 225 -12.19 31.72 -17.97
CA ALA C 225 -12.10 31.91 -19.42
C ALA C 225 -11.05 32.98 -19.72
N PHE C 226 -10.20 32.71 -20.69
CA PHE C 226 -9.06 33.56 -21.00
C PHE C 226 -9.16 34.02 -22.44
N ARG C 227 -8.89 35.30 -22.69
CA ARG C 227 -8.75 35.79 -24.06
C ARG C 227 -7.73 36.91 -24.09
N ILE C 228 -7.26 37.23 -25.28
CA ILE C 228 -6.42 38.38 -25.53
C ILE C 228 -7.31 39.54 -25.94
N VAL C 229 -7.16 40.66 -25.23
CA VAL C 229 -8.06 41.79 -25.39
C VAL C 229 -7.79 42.54 -26.69
N ASN C 230 -6.53 42.60 -27.12
CA ASN C 230 -6.12 43.26 -28.34
C ASN C 230 -6.76 42.62 -29.57
N GLU C 231 -6.96 43.44 -30.61
CA GLU C 231 -7.70 42.99 -31.79
C GLU C 231 -6.94 41.91 -32.57
N HIS C 232 -5.85 42.31 -33.27
CA HIS C 232 -4.85 41.44 -33.89
C HIS C 232 -3.75 42.27 -34.56
N ASP C 233 -2.56 41.71 -34.68
CA ASP C 233 -1.45 42.33 -35.38
C ASP C 233 -1.34 41.73 -36.78
N GLU C 234 -0.31 42.15 -37.51
CA GLU C 234 0.01 41.55 -38.80
C GLU C 234 0.40 40.08 -38.64
N HIS C 235 1.17 39.78 -37.62
CA HIS C 235 1.64 38.43 -37.31
C HIS C 235 0.75 37.79 -36.25
N LYS C 236 0.96 36.50 -36.04
CA LYS C 236 0.28 35.78 -34.98
C LYS C 236 1.10 35.83 -33.69
N THR C 237 0.40 35.83 -32.56
CA THR C 237 1.06 35.74 -31.26
C THR C 237 0.41 34.62 -30.46
N LEU C 238 1.24 33.71 -29.97
CA LEU C 238 0.82 32.63 -29.10
C LEU C 238 1.05 33.05 -27.65
N VAL C 239 0.03 32.92 -26.81
CA VAL C 239 0.16 33.24 -25.40
C VAL C 239 -0.08 31.99 -24.59
N LYS C 240 0.94 31.57 -23.86
CA LYS C 240 0.82 30.53 -22.86
C LYS C 240 0.37 31.16 -21.55
N ILE C 241 -0.69 30.62 -20.97
CA ILE C 241 -1.20 31.09 -19.70
C ILE C 241 -1.01 29.99 -18.67
N ARG C 242 -0.27 30.31 -17.61
CA ARG C 242 0.03 29.39 -16.53
C ARG C 242 -0.69 29.86 -15.28
N VAL C 243 -1.59 29.04 -14.78
CA VAL C 243 -2.33 29.32 -13.56
C VAL C 243 -1.64 28.62 -12.41
N TYR C 244 -1.28 29.39 -11.38
CA TYR C 244 -0.72 28.78 -10.20
C TYR C 244 -1.70 28.97 -9.06
N HIS C 245 -1.86 27.92 -8.26
CA HIS C 245 -2.79 27.87 -7.15
C HIS C 245 -2.02 27.72 -5.84
N ARG C 246 -2.37 28.52 -4.85
CA ARG C 246 -1.87 28.34 -3.50
C ARG C 246 -3.05 28.21 -2.55
N ALA C 247 -3.14 27.09 -1.86
CA ALA C 247 -4.16 26.94 -0.82
C ALA C 247 -3.74 27.68 0.43
N LYS C 248 -4.71 28.27 1.11
CA LYS C 248 -4.43 28.91 2.38
C LYS C 248 -5.65 28.81 3.27
N HIS C 249 -5.41 29.02 4.57
CA HIS C 249 -6.36 28.72 5.66
C HIS C 249 -6.85 27.28 5.55
N VAL C 250 -5.89 26.38 5.43
CA VAL C 250 -6.17 25.02 5.02
C VAL C 250 -6.62 24.21 6.23
N GLU C 251 -7.69 23.46 6.05
CA GLU C 251 -8.11 22.44 7.00
C GLU C 251 -8.30 21.14 6.26
N ALA C 252 -7.80 20.05 6.83
CA ALA C 252 -7.80 18.77 6.15
C ALA C 252 -8.27 17.69 7.11
N TRP C 253 -8.97 16.71 6.58
CA TRP C 253 -9.56 15.65 7.39
C TRP C 253 -9.30 14.31 6.73
N ILE C 254 -9.31 13.26 7.54
CA ILE C 254 -9.23 11.85 7.15
C ILE C 254 -8.01 11.57 6.28
N PRO C 255 -6.84 11.38 6.89
CA PRO C 255 -5.66 10.99 6.11
C PRO C 255 -5.85 9.66 5.39
N ARG C 256 -5.23 9.56 4.22
CA ARG C 256 -5.47 8.44 3.31
C ARG C 256 -4.15 7.77 2.95
N ALA C 257 -4.29 6.59 2.36
CA ALA C 257 -3.15 5.93 1.76
C ALA C 257 -2.69 6.73 0.56
N PRO C 258 -1.40 7.03 0.44
CA PRO C 258 -0.92 7.87 -0.65
C PRO C 258 -1.03 7.18 -2.01
N ARG C 259 -1.14 8.00 -3.05
CA ARG C 259 -1.22 7.50 -4.42
C ARG C 259 0.07 6.78 -4.80
N ALA C 260 -0.08 5.56 -5.29
CA ALA C 260 1.06 4.77 -5.72
C ALA C 260 1.18 4.60 -7.23
N LEU C 261 0.09 4.66 -7.93
CA LEU C 261 0.03 4.38 -9.36
C LEU C 261 -0.16 5.66 -10.15
N PRO C 262 0.13 5.66 -11.45
CA PRO C 262 -0.13 6.86 -12.26
C PRO C 262 -1.61 7.16 -12.37
N TYR C 263 -1.92 8.45 -12.40
CA TYR C 263 -3.29 8.89 -12.64
C TYR C 263 -3.60 8.82 -14.12
N THR C 264 -4.88 8.61 -14.44
CA THR C 264 -5.32 8.64 -15.83
C THR C 264 -6.34 9.71 -16.13
N SER C 265 -6.98 10.30 -15.12
CA SER C 265 -8.15 11.11 -15.38
C SER C 265 -8.36 12.08 -14.22
N ILE C 266 -8.94 13.24 -14.55
CA ILE C 266 -9.42 14.17 -13.54
C ILE C 266 -10.63 13.59 -12.84
N GLY C 267 -10.63 13.64 -11.51
CA GLY C 267 -11.80 13.29 -10.73
C GLY C 267 -12.05 11.81 -10.55
N ARG C 268 -11.18 10.96 -11.08
CA ARG C 268 -11.32 9.52 -11.00
C ARG C 268 -10.04 8.92 -10.44
N THR C 269 -10.18 7.82 -9.72
CA THR C 269 -9.03 7.12 -9.16
C THR C 269 -8.50 6.04 -10.08
N ASN C 270 -8.89 6.06 -11.36
CA ASN C 270 -8.46 5.05 -12.32
C ASN C 270 -6.95 5.10 -12.51
N TYR C 271 -6.35 3.95 -12.63
CA TYR C 271 -4.94 3.81 -12.95
C TYR C 271 -4.81 3.01 -14.24
N PRO C 272 -3.72 3.15 -14.99
CA PRO C 272 -3.70 2.55 -16.32
C PRO C 272 -3.53 1.05 -16.27
N LYS C 273 -4.10 0.39 -17.28
CA LYS C 273 -3.88 -1.04 -17.47
C LYS C 273 -2.41 -1.30 -17.77
N ASN C 274 -1.92 -2.42 -17.24
CA ASN C 274 -0.55 -2.93 -17.47
C ASN C 274 0.51 -1.92 -17.00
N THR C 275 0.37 -1.50 -15.75
CA THR C 275 1.28 -0.54 -15.18
C THR C 275 2.57 -1.22 -14.70
N GLU C 276 3.63 -0.43 -14.62
CA GLU C 276 4.88 -0.91 -14.08
C GLU C 276 4.75 -1.13 -12.56
N PRO C 277 5.50 -2.08 -12.00
CA PRO C 277 5.44 -2.30 -10.55
C PRO C 277 5.97 -1.11 -9.77
N VAL C 278 5.19 -0.67 -8.79
CA VAL C 278 5.59 0.49 -8.01
C VAL C 278 6.59 0.11 -6.92
N ILE C 279 6.44 -1.06 -6.31
CA ILE C 279 7.40 -1.53 -5.32
C ILE C 279 8.65 -2.00 -6.04
N LYS C 280 9.80 -1.44 -5.64
CA LYS C 280 11.05 -1.81 -6.29
C LYS C 280 11.46 -3.23 -5.91
N LYS C 281 11.97 -3.96 -6.90
CA LYS C 281 12.54 -5.27 -6.65
C LYS C 281 13.98 -5.13 -6.17
N ARG C 282 14.34 -5.93 -5.16
CA ARG C 282 15.71 -5.98 -4.68
C ARG C 282 16.67 -6.50 -5.74
N LYS C 283 17.93 -6.13 -5.57
CA LYS C 283 19.04 -6.75 -6.29
C LYS C 283 19.62 -7.90 -5.48
N GLY C 284 18.76 -8.81 -5.05
CA GLY C 284 19.18 -9.89 -4.16
C GLY C 284 17.97 -10.54 -3.51
N ASP C 285 18.23 -11.22 -2.40
CA ASP C 285 17.18 -11.87 -1.64
C ASP C 285 16.77 -10.96 -0.48
N ILE C 286 15.85 -11.47 0.36
CA ILE C 286 15.32 -10.71 1.48
C ILE C 286 16.39 -10.46 2.55
N LYS C 287 17.50 -11.19 2.53
CA LYS C 287 18.61 -11.03 3.46
C LYS C 287 19.62 -9.98 3.01
N SER C 288 19.46 -9.42 1.82
CA SER C 288 20.43 -8.44 1.32
C SER C 288 20.23 -7.10 2.01
N TYR C 289 21.19 -6.21 1.81
CA TYR C 289 21.14 -4.91 2.49
C TYR C 289 20.99 -3.73 1.52
N GLY D 1 2.72 62.40 -3.21
CA GLY D 1 2.88 61.05 -2.67
C GLY D 1 4.16 60.88 -1.90
N LEU D 2 4.27 59.75 -1.20
CA LEU D 2 5.53 59.56 -0.49
C LEU D 2 6.58 58.96 -1.42
N PRO D 3 7.79 59.49 -1.40
CA PRO D 3 8.84 59.00 -2.32
C PRO D 3 9.31 57.61 -1.94
N THR D 4 9.61 56.80 -2.95
CA THR D 4 9.86 55.38 -2.79
C THR D 4 10.91 54.91 -3.77
N THR D 5 11.87 54.12 -3.30
CA THR D 5 12.76 53.37 -4.16
C THR D 5 12.33 51.90 -4.20
N THR D 6 12.45 51.31 -5.38
CA THR D 6 11.98 49.95 -5.62
C THR D 6 13.17 49.00 -5.58
N LEU D 7 13.01 47.88 -4.89
CA LEU D 7 14.09 46.95 -4.57
C LEU D 7 14.22 45.84 -5.63
N PRO D 8 15.36 45.12 -5.63
CA PRO D 8 15.43 43.88 -6.42
C PRO D 8 14.35 42.87 -6.04
N GLY D 9 13.97 42.06 -7.01
CA GLY D 9 12.87 41.13 -6.83
C GLY D 9 11.51 41.73 -6.98
N SER D 10 11.41 42.98 -7.38
CA SER D 10 10.11 43.59 -7.60
C SER D 10 9.50 43.07 -8.90
N GLY D 11 8.24 42.67 -8.80
CA GLY D 11 7.58 42.01 -9.90
C GLY D 11 7.85 40.52 -10.00
N GLN D 12 8.62 39.94 -9.09
CA GLN D 12 8.85 38.52 -9.17
C GLN D 12 7.65 37.77 -8.63
N PHE D 13 7.48 36.54 -9.08
CA PHE D 13 6.52 35.63 -8.48
C PHE D 13 7.30 34.48 -7.86
N LEU D 14 7.45 34.55 -6.55
CA LEU D 14 8.01 33.50 -5.73
C LEU D 14 6.85 32.62 -5.23
N THR D 15 6.93 31.32 -5.50
CA THR D 15 5.79 30.45 -5.26
C THR D 15 5.57 30.14 -3.78
N THR D 16 6.52 30.48 -2.92
CA THR D 16 6.40 30.28 -1.49
C THR D 16 6.23 31.57 -0.71
N ASP D 17 6.10 32.72 -1.38
CA ASP D 17 5.88 33.97 -0.67
C ASP D 17 4.41 34.03 -0.26
N ASP D 18 4.18 34.30 1.01
CA ASP D 18 2.84 34.26 1.61
C ASP D 18 2.39 35.68 1.91
N ARG D 19 1.64 36.27 0.99
CA ARG D 19 1.25 37.66 1.10
C ARG D 19 -0.26 37.77 0.89
N GLN D 20 -0.80 38.90 1.33
CA GLN D 20 -2.21 39.16 1.09
C GLN D 20 -2.43 39.61 -0.34
N SER D 21 -3.63 39.31 -0.85
CA SER D 21 -4.00 39.58 -2.24
C SER D 21 -5.49 39.91 -2.26
N PRO D 22 -5.95 40.72 -3.22
CA PRO D 22 -7.38 41.07 -3.23
C PRO D 22 -8.27 39.89 -3.57
N SER D 23 -9.40 39.82 -2.88
CA SER D 23 -10.38 38.77 -3.15
C SER D 23 -11.12 39.06 -4.43
N ALA D 24 -11.25 38.05 -5.30
CA ALA D 24 -12.08 38.18 -6.48
C ALA D 24 -13.56 38.13 -6.15
N LEU D 25 -13.92 37.71 -4.93
CA LEU D 25 -15.32 37.58 -4.53
C LEU D 25 -15.55 38.37 -3.25
N PRO D 26 -15.68 39.69 -3.34
CA PRO D 26 -15.97 40.48 -2.14
C PRO D 26 -17.34 40.16 -1.57
N ASN D 27 -17.40 40.18 -0.24
CA ASN D 27 -18.59 39.95 0.58
C ASN D 27 -19.12 38.52 0.48
N TYR D 28 -18.31 37.60 -0.05
CA TYR D 28 -18.72 36.22 -0.13
C TYR D 28 -18.70 35.59 1.26
N GLU D 29 -19.69 34.75 1.52
CA GLU D 29 -19.84 34.10 2.81
C GLU D 29 -19.75 32.60 2.61
N PRO D 30 -18.63 31.97 2.98
CA PRO D 30 -18.48 30.54 2.72
C PRO D 30 -19.34 29.69 3.62
N THR D 31 -19.44 28.41 3.25
CA THR D 31 -20.28 27.44 3.93
C THR D 31 -19.80 27.29 5.38
N PRO D 32 -20.72 27.16 6.34
CA PRO D 32 -20.33 26.90 7.74
C PRO D 32 -19.49 25.64 7.87
N ARG D 33 -18.45 25.75 8.68
CA ARG D 33 -17.70 24.58 9.11
C ARG D 33 -18.58 23.71 10.00
N ILE D 34 -18.72 22.46 9.62
CA ILE D 34 -19.32 21.48 10.49
C ILE D 34 -18.20 20.65 11.07
N HIS D 35 -18.50 19.94 12.15
CA HIS D 35 -17.52 19.05 12.72
C HIS D 35 -17.38 17.79 11.86
N ILE D 36 -16.15 17.51 11.46
CA ILE D 36 -15.80 16.30 10.71
C ILE D 36 -14.77 15.57 11.56
N PRO D 37 -14.88 14.26 11.73
CA PRO D 37 -13.86 13.53 12.49
C PRO D 37 -12.54 13.46 11.74
N GLY D 38 -11.48 13.18 12.48
CA GLY D 38 -10.16 12.95 11.90
C GLY D 38 -9.49 14.14 11.26
N LYS D 39 -9.56 15.31 11.88
CA LYS D 39 -8.87 16.48 11.37
C LYS D 39 -7.36 16.34 11.57
N VAL D 40 -6.59 16.61 10.53
CA VAL D 40 -5.14 16.54 10.56
C VAL D 40 -4.59 17.95 10.65
N HIS D 41 -3.80 18.22 11.68
CA HIS D 41 -3.15 19.51 11.78
C HIS D 41 -1.74 19.51 11.25
N ASN D 42 -1.04 18.39 11.33
CA ASN D 42 0.38 18.35 11.06
C ASN D 42 0.73 16.93 10.64
N LEU D 43 1.61 16.83 9.64
CA LEU D 43 1.98 15.53 9.10
C LEU D 43 2.77 14.68 10.07
N LEU D 44 3.39 15.30 11.08
CA LEU D 44 4.06 14.55 12.13
C LEU D 44 3.09 13.73 12.98
N GLU D 45 1.80 14.06 12.96
CA GLU D 45 0.79 13.20 13.58
C GLU D 45 0.69 11.86 12.87
N ILE D 46 0.55 11.87 11.54
CA ILE D 46 0.15 10.68 10.82
C ILE D 46 1.31 9.78 10.40
N ILE D 47 2.56 10.26 10.49
CA ILE D 47 3.69 9.35 10.33
C ILE D 47 3.97 8.54 11.58
N GLN D 48 3.26 8.78 12.67
CA GLN D 48 3.35 7.92 13.84
C GLN D 48 2.43 6.72 13.74
N VAL D 49 1.61 6.64 12.70
CA VAL D 49 0.78 5.47 12.45
C VAL D 49 1.60 4.45 11.67
N ASP D 50 1.64 3.22 12.17
CA ASP D 50 2.44 2.21 11.49
C ASP D 50 1.70 1.65 10.27
N THR D 51 2.42 1.58 9.16
CA THR D 51 1.95 0.91 7.97
C THR D 51 2.89 -0.24 7.62
N LEU D 52 2.42 -1.11 6.75
CA LEU D 52 3.18 -2.31 6.41
C LEU D 52 4.35 -1.99 5.50
N ILE D 53 5.44 -2.71 5.70
CA ILE D 53 6.63 -2.61 4.87
C ILE D 53 6.58 -3.76 3.86
N PRO D 54 6.76 -3.49 2.59
CA PRO D 54 6.95 -4.60 1.63
C PRO D 54 8.37 -5.12 1.66
N MET D 55 8.71 -5.79 2.78
CA MET D 55 10.08 -6.25 3.03
C MET D 55 10.46 -7.40 2.10
N ASN D 56 9.48 -8.19 1.68
CA ASN D 56 9.73 -9.30 0.76
C ASN D 56 9.58 -8.84 -0.69
N ASN D 57 10.28 -7.78 -1.08
CA ASN D 57 10.20 -7.26 -2.45
C ASN D 57 11.16 -8.01 -3.38
N THR D 58 10.96 -9.32 -3.44
CA THR D 58 11.78 -10.21 -4.22
C THR D 58 11.04 -10.75 -5.42
N HIS D 59 9.82 -10.29 -5.66
CA HIS D 59 8.99 -10.71 -6.77
C HIS D 59 9.11 -9.72 -7.92
N THR D 60 8.74 -10.17 -9.10
CA THR D 60 8.74 -9.33 -10.30
C THR D 60 7.44 -8.58 -10.48
N LYS D 61 6.53 -8.67 -9.52
CA LYS D 61 5.21 -8.07 -9.61
C LYS D 61 4.79 -7.68 -8.19
N ASP D 62 4.08 -6.56 -8.09
CA ASP D 62 3.50 -6.18 -6.81
C ASP D 62 2.42 -7.17 -6.42
N GLU D 63 2.51 -7.71 -5.20
CA GLU D 63 1.51 -8.65 -4.70
C GLU D 63 1.49 -8.58 -3.19
N VAL D 64 0.48 -9.25 -2.61
CA VAL D 64 0.29 -9.26 -1.16
C VAL D 64 1.45 -10.00 -0.48
N ASN D 65 2.05 -10.98 -1.18
CA ASN D 65 3.17 -11.74 -0.65
C ASN D 65 4.42 -10.90 -0.46
N SER D 66 4.52 -9.73 -1.08
CA SER D 66 5.66 -8.85 -0.86
C SER D 66 5.67 -8.26 0.55
N TYR D 67 4.55 -8.28 1.26
CA TYR D 67 4.50 -7.85 2.65
C TYR D 67 4.77 -8.97 3.64
N LEU D 68 4.95 -10.21 3.18
CA LEU D 68 5.04 -11.36 4.06
C LEU D 68 6.48 -11.81 4.19
N ILE D 69 7.02 -11.76 5.40
CA ILE D 69 8.37 -12.22 5.69
C ILE D 69 8.29 -13.69 6.08
N PRO D 70 8.88 -14.60 5.30
CA PRO D 70 8.75 -16.03 5.62
C PRO D 70 9.68 -16.48 6.74
N LEU D 71 9.15 -17.34 7.60
CA LEU D 71 9.94 -18.06 8.59
C LEU D 71 9.89 -19.55 8.27
N ASN D 72 11.00 -20.23 8.54
CA ASN D 72 11.15 -21.64 8.25
C ASN D 72 11.51 -22.37 9.53
N ALA D 73 11.06 -23.63 9.63
CA ALA D 73 11.06 -24.33 10.91
C ALA D 73 12.48 -24.72 11.37
N ASN D 74 13.17 -25.55 10.60
CA ASN D 74 14.41 -26.16 11.08
C ASN D 74 15.61 -25.28 10.72
N ARG D 75 15.64 -24.07 11.29
CA ARG D 75 16.69 -23.10 11.00
C ARG D 75 17.20 -22.51 12.30
N GLN D 76 18.46 -22.75 12.61
CA GLN D 76 19.13 -22.13 13.73
C GLN D 76 20.06 -21.06 13.20
N ASN D 77 20.24 -19.98 13.97
CA ASN D 77 21.29 -18.96 13.83
C ASN D 77 21.20 -18.08 12.58
N GLU D 78 20.31 -18.39 11.65
CA GLU D 78 20.31 -17.81 10.32
C GLU D 78 19.54 -16.50 10.26
N GLN D 79 19.69 -15.82 9.13
CA GLN D 79 19.04 -14.54 8.91
C GLN D 79 17.61 -14.72 8.42
N VAL D 80 16.71 -13.90 8.95
CA VAL D 80 15.33 -13.88 8.52
C VAL D 80 15.12 -12.86 7.41
N PHE D 81 15.60 -11.63 7.61
CA PHE D 81 15.65 -10.62 6.56
C PHE D 81 16.75 -9.63 6.89
N GLY D 82 17.07 -8.81 5.91
CA GLY D 82 17.91 -7.65 6.11
C GLY D 82 17.45 -6.53 5.22
N THR D 83 17.82 -5.31 5.60
CA THR D 83 17.48 -4.12 4.83
C THR D 83 18.41 -3.00 5.25
N ASN D 84 18.71 -2.10 4.32
CA ASN D 84 19.31 -0.86 4.75
C ASN D 84 18.21 0.09 5.23
N LEU D 85 18.63 1.19 5.85
CA LEU D 85 17.67 2.11 6.47
C LEU D 85 17.65 3.45 5.73
N PHE D 86 17.66 3.41 4.41
CA PHE D 86 17.35 4.60 3.63
C PHE D 86 15.84 4.68 3.52
N ILE D 87 15.22 5.49 4.39
CA ILE D 87 13.76 5.50 4.51
C ILE D 87 13.07 6.23 3.37
N GLY D 88 13.80 6.87 2.48
CA GLY D 88 13.18 7.36 1.26
C GLY D 88 13.50 6.48 0.08
N ASP D 89 13.66 5.18 0.31
CA ASP D 89 14.23 4.29 -0.70
C ASP D 89 13.93 2.85 -0.32
N GLY D 90 14.05 1.96 -1.31
CA GLY D 90 14.07 0.53 -1.05
C GLY D 90 12.71 0.01 -0.63
N VAL D 91 12.70 -0.77 0.46
CA VAL D 91 11.45 -1.31 0.97
C VAL D 91 10.59 -0.23 1.62
N PHE D 92 11.17 0.88 2.02
CA PHE D 92 10.43 1.91 2.73
C PHE D 92 9.81 2.93 1.80
N LYS D 93 10.15 2.90 0.51
CA LYS D 93 9.79 3.97 -0.42
C LYS D 93 8.28 4.12 -0.61
N THR D 94 7.54 3.01 -0.57
CA THR D 94 6.11 3.05 -0.76
C THR D 94 5.30 3.09 0.54
N THR D 95 5.96 3.00 1.69
CA THR D 95 5.22 3.07 2.95
C THR D 95 4.75 4.50 3.20
N LEU D 96 3.83 4.64 4.16
CA LEU D 96 3.31 5.97 4.51
C LEU D 96 4.40 6.87 5.07
N LEU D 97 5.27 6.31 5.92
CA LEU D 97 6.43 7.06 6.40
C LEU D 97 7.33 7.45 5.24
N GLY D 98 7.67 6.51 4.36
CA GLY D 98 8.56 6.80 3.26
C GLY D 98 8.02 7.78 2.24
N GLU D 99 6.70 7.77 2.04
CA GLU D 99 6.09 8.67 1.08
C GLU D 99 5.97 10.11 1.61
N ILE D 100 5.72 10.28 2.91
CA ILE D 100 5.72 11.62 3.48
C ILE D 100 7.15 12.16 3.59
N VAL D 101 8.09 11.30 3.97
CA VAL D 101 9.52 11.64 4.07
C VAL D 101 10.09 12.08 2.72
N GLN D 102 9.56 11.55 1.63
CA GLN D 102 10.00 11.99 0.31
C GLN D 102 9.44 13.36 -0.10
N TYR D 103 8.53 13.94 0.67
CA TYR D 103 8.20 15.34 0.49
C TYR D 103 9.16 16.28 1.19
N TYR D 104 10.11 15.75 1.94
CA TYR D 104 11.05 16.59 2.67
C TYR D 104 12.46 16.13 2.35
N THR D 105 13.41 17.00 2.61
CA THR D 105 14.79 16.74 2.29
C THR D 105 15.56 16.18 3.47
N HIS D 106 15.22 16.62 4.66
CA HIS D 106 15.96 16.30 5.86
C HIS D 106 15.04 15.57 6.83
N TRP D 107 15.59 14.58 7.51
CA TRP D 107 14.85 13.89 8.55
C TRP D 107 15.78 13.66 9.74
N SER D 108 15.17 13.55 10.91
CA SER D 108 15.90 13.23 12.11
C SER D 108 14.94 12.53 13.06
N GLY D 109 15.51 11.88 14.06
CA GLY D 109 14.73 11.25 15.11
C GLY D 109 14.70 9.74 14.94
N SER D 110 13.89 9.13 15.79
CA SER D 110 13.88 7.68 15.91
C SER D 110 12.74 7.06 15.13
N LEU D 111 12.99 5.87 14.64
CA LEU D 111 12.03 5.10 13.85
C LEU D 111 11.46 3.99 14.71
N ARG D 112 10.22 3.65 14.43
CA ARG D 112 9.52 2.58 15.15
C ARG D 112 9.30 1.43 14.18
N PHE D 113 9.94 0.31 14.44
CA PHE D 113 9.86 -0.88 13.61
C PHE D 113 9.14 -1.97 14.38
N SER D 114 8.05 -2.48 13.83
CA SER D 114 7.28 -3.51 14.51
C SER D 114 7.20 -4.77 13.66
N LEU D 115 7.23 -5.91 14.32
CA LEU D 115 7.01 -7.19 13.68
C LEU D 115 5.81 -7.87 14.33
N MET D 116 4.86 -8.30 13.52
CA MET D 116 3.74 -9.10 13.98
C MET D 116 3.90 -10.52 13.47
N TYR D 117 3.89 -11.48 14.39
CA TYR D 117 3.91 -12.89 14.06
C TYR D 117 2.50 -13.38 13.77
N THR D 118 2.34 -14.17 12.71
CA THR D 118 1.02 -14.65 12.29
C THR D 118 0.92 -16.17 12.21
N GLY D 119 1.85 -16.92 12.77
CA GLY D 119 1.77 -18.35 12.72
C GLY D 119 0.73 -18.89 13.68
N PRO D 120 0.64 -20.22 13.76
CA PRO D 120 -0.34 -20.83 14.66
C PRO D 120 -0.01 -20.61 16.13
N ALA D 121 -1.05 -20.64 16.95
CA ALA D 121 -0.91 -20.32 18.36
C ALA D 121 -0.09 -21.37 19.12
N LEU D 122 -0.07 -22.59 18.63
CA LEU D 122 0.76 -23.65 19.20
C LEU D 122 2.16 -23.71 18.59
N SER D 123 2.63 -22.63 17.98
CA SER D 123 3.99 -22.55 17.47
C SER D 123 4.80 -21.60 18.35
N SER D 124 6.12 -21.78 18.33
CA SER D 124 7.01 -20.94 19.11
C SER D 124 8.24 -20.54 18.30
N ALA D 125 8.69 -19.31 18.49
CA ALA D 125 9.90 -18.81 17.85
C ALA D 125 10.50 -17.73 18.74
N LYS D 126 11.82 -17.73 18.84
CA LYS D 126 12.55 -16.58 19.35
C LYS D 126 13.36 -16.03 18.20
N LEU D 127 13.23 -14.73 17.97
CA LEU D 127 13.99 -14.04 16.95
C LEU D 127 14.83 -12.95 17.60
N ILE D 128 15.83 -12.48 16.87
CA ILE D 128 16.59 -11.32 17.31
C ILE D 128 16.58 -10.27 16.21
N LEU D 129 16.18 -9.06 16.58
CA LEU D 129 16.03 -7.93 15.69
C LEU D 129 17.17 -6.97 15.95
N ALA D 130 18.04 -6.76 14.98
CA ALA D 130 19.25 -5.99 15.20
C ALA D 130 19.26 -4.73 14.34
N TYR D 131 19.56 -3.61 14.97
CA TYR D 131 19.90 -2.38 14.28
C TYR D 131 21.41 -2.21 14.34
N THR D 132 22.03 -2.12 13.17
CA THR D 132 23.45 -1.84 13.08
C THR D 132 23.60 -0.37 12.76
N PRO D 133 24.13 0.45 13.68
CA PRO D 133 24.39 1.86 13.39
C PRO D 133 25.47 2.01 12.34
N PRO D 134 25.52 3.15 11.64
CA PRO D 134 26.38 3.24 10.43
C PRO D 134 27.87 3.24 10.76
N GLY D 135 28.65 3.06 9.70
CA GLY D 135 30.09 2.91 9.80
C GLY D 135 30.56 1.49 9.76
N ALA D 136 29.66 0.52 9.87
CA ALA D 136 29.95 -0.88 9.71
C ALA D 136 29.09 -1.43 8.58
N ARG D 137 29.42 -2.63 8.12
CA ARG D 137 28.62 -3.26 7.07
C ARG D 137 27.33 -3.81 7.66
N GLY D 138 26.42 -4.19 6.77
CA GLY D 138 25.28 -5.00 7.15
C GLY D 138 25.79 -6.33 7.67
N PRO D 139 25.30 -6.75 8.84
CA PRO D 139 25.89 -7.91 9.51
C PRO D 139 25.65 -9.22 8.77
N GLN D 140 26.55 -10.17 8.99
CA GLN D 140 26.53 -11.39 8.21
C GLN D 140 26.30 -12.67 8.98
N ASP D 141 26.44 -12.70 10.32
CA ASP D 141 26.31 -14.00 10.97
C ASP D 141 25.64 -14.06 12.34
N ARG D 142 24.80 -13.09 12.71
CA ARG D 142 24.05 -12.92 13.98
C ARG D 142 24.95 -12.63 15.18
N ARG D 143 26.20 -13.04 15.13
CA ARG D 143 27.15 -12.65 16.16
C ARG D 143 27.57 -11.21 15.93
N GLU D 144 27.82 -10.89 14.67
CA GLU D 144 28.04 -9.51 14.25
C GLU D 144 26.82 -8.63 14.53
N ALA D 145 25.61 -9.19 14.34
CA ALA D 145 24.39 -8.39 14.47
C ALA D 145 24.09 -8.05 15.93
N MET D 146 24.28 -9.00 16.85
CA MET D 146 23.94 -8.72 18.24
C MET D 146 24.95 -7.82 18.94
N LEU D 147 26.07 -7.49 18.31
CA LEU D 147 26.98 -6.50 18.89
C LEU D 147 26.40 -5.10 18.85
N GLY D 148 25.42 -4.84 17.98
CA GLY D 148 24.73 -3.56 17.95
C GLY D 148 23.45 -3.57 18.75
N THR D 149 22.65 -2.53 18.52
CA THR D 149 21.35 -2.37 19.18
C THR D 149 20.42 -3.49 18.77
N HIS D 150 20.00 -4.30 19.74
CA HIS D 150 19.18 -5.44 19.35
C HIS D 150 18.15 -5.79 20.41
N VAL D 151 17.21 -6.63 19.98
CA VAL D 151 16.12 -7.13 20.80
C VAL D 151 16.01 -8.62 20.59
N VAL D 152 15.86 -9.37 21.67
CA VAL D 152 15.45 -10.76 21.57
C VAL D 152 13.94 -10.81 21.80
N TRP D 153 13.22 -11.29 20.80
CA TRP D 153 11.76 -11.31 20.81
C TRP D 153 11.27 -12.73 21.04
N ASP D 154 10.68 -12.95 22.21
CA ASP D 154 9.94 -14.17 22.46
C ASP D 154 8.52 -13.99 21.95
N ILE D 155 8.10 -14.87 21.08
CA ILE D 155 6.75 -14.85 20.54
C ILE D 155 5.84 -15.62 21.47
N GLY D 156 4.77 -14.98 21.91
CA GLY D 156 3.80 -15.57 22.82
C GLY D 156 2.45 -14.95 22.59
N LEU D 157 1.67 -14.83 23.68
CA LEU D 157 0.30 -14.33 23.59
C LEU D 157 0.24 -12.91 23.04
N GLN D 158 1.23 -12.09 23.35
CA GLN D 158 1.36 -10.80 22.69
C GLN D 158 2.19 -11.00 21.43
N SER D 159 1.60 -10.74 20.28
CA SER D 159 2.13 -11.18 18.99
C SER D 159 3.04 -10.18 18.32
N THR D 160 3.22 -9.00 18.90
CA THR D 160 3.90 -7.91 18.22
C THR D 160 5.06 -7.41 19.08
N ILE D 161 6.25 -7.39 18.50
CA ILE D 161 7.41 -6.71 19.06
C ILE D 161 7.46 -5.31 18.46
N VAL D 162 7.98 -4.36 19.21
CA VAL D 162 8.23 -3.02 18.71
C VAL D 162 9.69 -2.71 18.95
N MET D 163 10.48 -2.69 17.89
CA MET D 163 11.88 -2.30 17.96
C MET D 163 12.00 -0.85 17.52
N THR D 164 12.23 0.04 18.47
CA THR D 164 12.60 1.40 18.13
C THR D 164 14.02 1.44 17.59
N ILE D 165 14.17 2.04 16.41
CA ILE D 165 15.49 2.30 15.86
C ILE D 165 15.89 3.68 16.34
N PRO D 166 16.77 3.76 17.33
CA PRO D 166 17.03 5.06 17.97
C PRO D 166 17.93 5.91 17.11
N TRP D 167 17.75 7.22 17.23
CA TRP D 167 18.50 8.18 16.44
C TRP D 167 19.97 8.10 16.83
N THR D 168 20.76 7.52 15.93
CA THR D 168 22.17 7.21 16.16
C THR D 168 22.90 7.85 15.00
N SER D 169 23.32 9.09 15.21
CA SER D 169 23.88 9.92 14.16
C SER D 169 24.72 10.99 14.82
N GLY D 170 25.82 11.34 14.20
CA GLY D 170 26.55 12.49 14.67
C GLY D 170 25.95 13.78 14.15
N VAL D 171 25.70 13.81 12.85
CA VAL D 171 25.08 14.98 12.25
C VAL D 171 23.60 15.02 12.66
N GLN D 172 23.11 16.22 12.94
CA GLN D 172 21.78 16.39 13.52
C GLN D 172 20.66 15.98 12.58
N PHE D 173 20.90 16.01 11.26
CA PHE D 173 19.89 15.68 10.29
C PHE D 173 20.50 14.80 9.20
N ARG D 174 19.67 13.93 8.65
CA ARG D 174 20.03 13.05 7.54
C ARG D 174 19.22 13.40 6.31
N TYR D 175 19.76 13.06 5.15
CA TYR D 175 19.00 13.24 3.92
C TYR D 175 17.96 12.15 3.75
N THR D 176 16.80 12.54 3.25
CA THR D 176 15.77 11.58 2.88
C THR D 176 16.14 10.87 1.59
N ASP D 177 16.81 11.57 0.69
CA ASP D 177 17.43 10.95 -0.46
C ASP D 177 18.64 10.14 0.00
N PRO D 178 18.84 8.93 -0.56
CA PRO D 178 19.96 8.08 -0.13
C PRO D 178 21.32 8.73 -0.37
N ASP D 179 22.06 8.88 0.72
CA ASP D 179 23.32 9.60 0.74
C ASP D 179 24.23 8.87 1.72
N THR D 180 25.48 8.65 1.31
CA THR D 180 26.34 7.75 2.06
C THR D 180 26.81 8.34 3.38
N TYR D 181 27.09 9.66 3.40
CA TYR D 181 27.47 10.33 4.65
C TYR D 181 26.35 10.26 5.68
N THR D 182 25.11 10.40 5.25
CA THR D 182 23.97 10.35 6.15
C THR D 182 23.24 9.02 6.11
N SER D 183 23.96 7.94 5.86
CA SER D 183 23.36 6.61 5.92
C SER D 183 22.98 6.27 7.36
N ALA D 184 21.81 5.68 7.51
CA ALA D 184 21.25 5.38 8.82
C ALA D 184 21.64 4.00 9.33
N GLY D 185 22.31 3.19 8.54
CA GLY D 185 22.71 1.88 9.01
C GLY D 185 21.87 0.74 8.47
N PHE D 186 21.72 -0.32 9.25
CA PHE D 186 21.15 -1.57 8.74
C PHE D 186 20.21 -2.17 9.76
N LEU D 187 19.19 -2.84 9.25
CA LEU D 187 18.25 -3.58 10.07
C LEU D 187 18.26 -5.04 9.62
N SER D 188 18.28 -5.94 10.59
CA SER D 188 18.32 -7.36 10.27
C SER D 188 17.62 -8.16 11.34
N CYS D 189 17.12 -9.31 10.94
CA CYS D 189 16.45 -10.23 11.85
C CYS D 189 17.03 -11.62 11.67
N TRP D 190 17.20 -12.31 12.79
CA TRP D 190 17.91 -13.57 12.85
C TRP D 190 17.10 -14.51 13.73
N TYR D 191 17.17 -15.79 13.42
CA TYR D 191 16.62 -16.80 14.32
C TYR D 191 17.44 -16.81 15.61
N GLN D 192 16.79 -16.53 16.72
CA GLN D 192 17.48 -16.56 18.00
C GLN D 192 17.55 -17.99 18.53
N THR D 193 16.40 -18.66 18.65
CA THR D 193 16.46 -20.10 18.75
C THR D 193 16.15 -20.79 17.43
N SER D 194 14.88 -20.85 17.06
CA SER D 194 14.33 -21.42 15.83
C SER D 194 12.83 -21.30 15.88
N LEU D 195 12.20 -21.65 14.77
CA LEU D 195 10.75 -21.79 14.68
C LEU D 195 10.35 -23.23 14.94
N ILE D 196 9.47 -23.43 15.92
CA ILE D 196 9.00 -24.78 16.25
C ILE D 196 7.51 -24.88 15.98
N LEU D 197 7.13 -25.64 14.94
CA LEU D 197 5.73 -25.78 14.60
C LEU D 197 5.08 -26.92 15.37
N PRO D 198 3.78 -26.84 15.62
CA PRO D 198 3.06 -27.97 16.23
C PRO D 198 2.91 -29.13 15.26
N PRO D 199 2.54 -30.32 15.76
CA PRO D 199 2.15 -31.41 14.86
C PRO D 199 0.96 -31.04 13.99
N GLU D 200 0.90 -31.71 12.84
CA GLU D 200 -0.08 -31.50 11.76
C GLU D 200 -0.05 -30.10 11.17
N THR D 201 0.98 -29.31 11.43
CA THR D 201 1.19 -28.07 10.72
C THR D 201 2.52 -28.17 9.99
N THR D 202 2.57 -27.54 8.82
CA THR D 202 3.73 -27.68 7.97
C THR D 202 3.93 -26.38 7.22
N GLY D 203 5.13 -26.21 6.69
CA GLY D 203 5.41 -25.10 5.82
C GLY D 203 5.88 -23.87 6.56
N GLN D 204 5.65 -22.74 5.92
CA GLN D 204 6.17 -21.47 6.38
C GLN D 204 5.11 -20.74 7.19
N VAL D 205 5.58 -19.92 8.13
CA VAL D 205 4.74 -18.93 8.77
C VAL D 205 5.30 -17.58 8.42
N TYR D 206 4.49 -16.55 8.59
CA TYR D 206 4.85 -15.24 8.07
C TYR D 206 4.91 -14.20 9.17
N LEU D 207 5.85 -13.28 9.02
CA LEU D 207 5.91 -12.07 9.81
C LEU D 207 5.36 -10.92 8.98
N LEU D 208 4.69 -10.00 9.65
CA LEU D 208 4.31 -8.73 9.06
C LEU D 208 5.17 -7.64 9.70
N SER D 209 5.77 -6.80 8.88
CA SER D 209 6.65 -5.76 9.36
C SER D 209 6.01 -4.39 9.17
N PHE D 210 6.26 -3.51 10.13
CA PHE D 210 5.57 -2.24 10.29
C PHE D 210 6.60 -1.14 10.49
N ILE D 211 6.34 0.04 9.95
CA ILE D 211 7.21 1.19 10.15
C ILE D 211 6.37 2.40 10.54
N SER D 212 6.82 3.11 11.55
CA SER D 212 6.29 4.41 11.90
C SER D 212 7.40 5.21 12.53
N ALA D 213 7.10 6.45 12.85
CA ALA D 213 8.06 7.33 13.47
C ALA D 213 7.72 7.55 14.94
N CYS D 214 8.75 7.67 15.75
CA CYS D 214 8.61 8.04 17.15
C CYS D 214 8.25 9.53 17.24
N PRO D 215 7.72 10.01 18.37
CA PRO D 215 7.38 11.44 18.45
C PRO D 215 8.56 12.41 18.48
N ASP D 216 9.80 11.93 18.53
CA ASP D 216 10.95 12.83 18.36
C ASP D 216 11.24 13.16 16.90
N PHE D 217 10.47 12.63 15.97
CA PHE D 217 10.81 12.65 14.55
C PHE D 217 10.69 14.05 13.97
N LYS D 218 11.67 14.43 13.17
CA LYS D 218 11.77 15.78 12.64
C LYS D 218 11.86 15.68 11.14
N LEU D 219 11.36 16.71 10.46
CA LEU D 219 11.22 16.63 9.03
C LEU D 219 11.17 18.06 8.50
N ARG D 220 12.00 18.37 7.52
CA ARG D 220 12.10 19.76 7.09
C ARG D 220 12.60 19.84 5.65
N LEU D 221 12.56 21.06 5.11
CA LEU D 221 12.96 21.42 3.75
C LEU D 221 12.14 20.63 2.72
N MET D 222 10.90 21.09 2.61
CA MET D 222 9.92 20.56 1.67
C MET D 222 10.41 20.60 0.21
N LYS D 223 10.17 19.50 -0.50
CA LYS D 223 10.64 19.32 -1.87
C LYS D 223 9.66 18.44 -2.63
N ASP D 224 9.76 18.49 -3.96
CA ASP D 224 9.00 17.60 -4.81
C ASP D 224 9.48 16.15 -4.66
N THR D 225 8.56 15.23 -4.88
CA THR D 225 8.84 13.79 -4.88
C THR D 225 8.86 13.27 -6.32
N GLN D 226 9.59 12.18 -6.53
CA GLN D 226 9.72 11.59 -7.87
C GLN D 226 8.69 10.48 -8.10
N THR D 227 8.06 9.98 -7.03
CA THR D 227 7.05 8.91 -7.06
C THR D 227 5.93 9.14 -8.05
N ILE D 228 5.29 10.29 -8.03
CA ILE D 228 4.25 10.59 -8.99
C ILE D 228 4.90 11.37 -10.13
N SER D 229 4.41 11.13 -11.35
CA SER D 229 4.91 11.81 -12.52
C SER D 229 3.83 11.75 -13.60
N GLN D 230 4.00 12.58 -14.61
CA GLN D 230 3.14 12.55 -15.77
C GLN D 230 3.95 13.01 -16.97
N THR D 231 3.41 12.72 -18.16
CA THR D 231 3.96 13.23 -19.40
C THR D 231 3.10 14.31 -20.02
N VAL D 232 1.78 14.17 -19.93
CA VAL D 232 0.84 15.18 -20.40
C VAL D 232 -0.13 15.49 -19.28
N ALA D 233 -0.81 16.62 -19.42
CA ALA D 233 -1.85 17.00 -18.48
C ALA D 233 -3.05 16.07 -18.62
N LEU D 234 -3.77 15.88 -17.54
CA LEU D 234 -4.92 15.00 -17.52
C LEU D 234 -6.17 15.77 -17.89
N THR D 235 -7.16 15.07 -18.43
CA THR D 235 -8.41 15.67 -18.90
C THR D 235 -9.60 14.91 -18.34
N GLU D 236 -10.78 15.37 -18.71
CA GLU D 236 -12.05 14.75 -18.37
C GLU D 236 -12.30 13.48 -19.16
N GLY E 8 -11.64 -10.45 36.22
CA GLY E 8 -12.45 -9.25 36.17
C GLY E 8 -12.49 -8.59 34.81
N TYR E 9 -12.07 -7.33 34.77
CA TYR E 9 -11.97 -6.57 33.53
C TYR E 9 -10.98 -7.23 32.58
N SER E 10 -11.49 -7.76 31.45
CA SER E 10 -10.66 -8.39 30.45
C SER E 10 -10.90 -7.74 29.08
N ASP E 11 -9.80 -7.45 28.39
CA ASP E 11 -9.91 -6.87 27.06
C ASP E 11 -10.34 -7.88 26.00
N ARG E 12 -10.25 -9.17 26.28
CA ARG E 12 -10.63 -10.20 25.31
C ARG E 12 -12.13 -10.50 25.32
N VAL E 13 -12.79 -10.28 26.44
CA VAL E 13 -14.20 -10.64 26.60
C VAL E 13 -15.03 -9.36 26.51
N GLN E 14 -15.88 -9.28 25.48
CA GLN E 14 -16.63 -8.06 25.20
C GLN E 14 -18.08 -8.39 24.93
N GLN E 15 -18.97 -7.52 25.34
CA GLN E 15 -20.39 -7.59 24.98
C GLN E 15 -20.82 -6.27 24.36
N ILE E 16 -21.46 -6.35 23.20
CA ILE E 16 -22.02 -5.17 22.55
C ILE E 16 -23.50 -5.43 22.36
N THR E 17 -24.32 -4.59 22.99
CA THR E 17 -25.78 -4.68 22.91
C THR E 17 -26.30 -3.42 22.22
N LEU E 18 -27.00 -3.62 21.10
CA LEU E 18 -27.73 -2.54 20.43
C LEU E 18 -29.14 -3.04 20.11
N GLY E 19 -30.14 -2.37 20.65
CA GLY E 19 -31.52 -2.77 20.39
C GLY E 19 -31.84 -4.09 21.06
N ASN E 20 -32.37 -5.03 20.28
CA ASN E 20 -32.60 -6.38 20.76
C ASN E 20 -31.50 -7.35 20.38
N SER E 21 -30.36 -6.84 19.94
CA SER E 21 -29.27 -7.68 19.45
C SER E 21 -28.08 -7.54 20.37
N THR E 22 -27.39 -8.65 20.57
CA THR E 22 -26.22 -8.68 21.42
C THR E 22 -25.13 -9.48 20.71
N ILE E 23 -23.90 -8.99 20.76
CA ILE E 23 -22.73 -9.73 20.30
C ILE E 23 -21.81 -9.96 21.48
N THR E 24 -21.40 -11.20 21.67
CA THR E 24 -20.34 -11.54 22.60
C THR E 24 -19.10 -11.97 21.82
N THR E 25 -17.96 -11.82 22.47
CA THR E 25 -16.72 -12.37 21.98
C THR E 25 -15.85 -12.66 23.19
N GLN E 26 -15.10 -13.75 23.12
CA GLN E 26 -14.16 -14.06 24.18
C GLN E 26 -12.72 -13.96 23.70
N GLU E 27 -12.52 -13.60 22.45
CA GLU E 27 -11.20 -13.52 21.84
C GLU E 27 -11.13 -12.24 21.00
N ALA E 28 -11.44 -11.10 21.63
CA ALA E 28 -11.39 -9.81 20.95
C ALA E 28 -10.04 -9.12 21.16
N ALA E 29 -9.87 -8.01 20.45
CA ALA E 29 -8.65 -7.22 20.55
C ALA E 29 -8.96 -5.72 20.62
N ASN E 30 -9.83 -5.31 21.56
CA ASN E 30 -10.03 -3.90 21.95
C ASN E 30 -10.48 -2.99 20.82
N ALA E 31 -11.78 -2.99 20.54
CA ALA E 31 -12.47 -2.23 19.49
C ALA E 31 -11.92 -0.86 19.13
N VAL E 32 -11.88 -0.58 17.84
CA VAL E 32 -11.49 0.73 17.34
C VAL E 32 -12.71 1.63 17.30
N VAL E 33 -12.56 2.84 17.84
CA VAL E 33 -13.48 3.93 17.59
C VAL E 33 -12.75 4.85 16.61
N CYS E 34 -13.29 5.00 15.41
CA CYS E 34 -12.63 5.72 14.31
C CYS E 34 -12.39 7.18 14.67
N TYR E 35 -11.12 7.57 14.65
CA TYR E 35 -10.64 8.94 14.91
C TYR E 35 -11.01 9.41 16.31
N ALA E 36 -11.16 8.43 17.21
CA ALA E 36 -11.57 8.61 18.61
C ALA E 36 -12.90 9.35 18.75
N GLU E 37 -13.80 9.22 17.79
CA GLU E 37 -15.07 9.93 17.84
C GLU E 37 -16.21 8.93 17.84
N TRP E 38 -16.88 8.85 18.97
CA TRP E 38 -18.08 8.06 19.10
C TRP E 38 -19.19 8.67 18.24
N PRO E 39 -19.99 7.86 17.56
CA PRO E 39 -21.10 8.40 16.76
C PRO E 39 -22.13 9.10 17.64
N GLU E 40 -22.69 10.17 17.11
CA GLU E 40 -23.58 11.03 17.85
C GLU E 40 -24.62 11.56 16.88
N TYR E 41 -25.67 12.14 17.44
CA TYR E 41 -26.68 12.76 16.59
C TYR E 41 -26.19 14.12 16.10
N LEU E 42 -26.79 14.56 15.02
CA LEU E 42 -26.46 15.86 14.43
C LEU E 42 -26.91 17.00 15.34
N PRO E 43 -26.01 17.85 15.81
CA PRO E 43 -26.43 19.02 16.60
C PRO E 43 -27.05 20.09 15.73
N ASP E 44 -27.81 20.99 16.37
CA ASP E 44 -28.51 22.06 15.67
C ASP E 44 -27.56 23.08 15.05
N VAL E 45 -26.35 23.23 15.60
CA VAL E 45 -25.42 24.24 15.08
C VAL E 45 -24.83 23.79 13.75
N ASP E 46 -24.74 22.49 13.51
CA ASP E 46 -24.25 22.00 12.23
C ASP E 46 -25.38 21.75 11.23
N ALA E 47 -26.62 21.73 11.68
CA ALA E 47 -27.75 21.37 10.82
C ALA E 47 -28.12 22.50 9.87
N SER E 48 -28.56 22.13 8.68
CA SER E 48 -29.10 23.08 7.72
C SER E 48 -30.50 22.73 7.26
N ASP E 49 -30.73 21.44 7.00
CA ASP E 49 -32.06 20.88 6.77
C ASP E 49 -33.01 21.21 7.91
N VAL E 50 -34.14 21.84 7.58
CA VAL E 50 -35.05 22.35 8.62
C VAL E 50 -36.03 21.32 9.13
N ASN E 51 -36.18 20.18 8.45
CA ASN E 51 -37.10 19.12 8.86
C ASN E 51 -36.72 18.51 10.20
N LYS E 52 -37.71 18.31 11.05
CA LYS E 52 -37.52 17.51 12.26
C LYS E 52 -37.19 16.08 11.90
N THR E 53 -36.05 15.59 12.36
CA THR E 53 -35.55 14.30 11.94
C THR E 53 -36.22 13.17 12.72
N SER E 54 -36.40 12.04 12.06
CA SER E 54 -36.88 10.84 12.71
C SER E 54 -35.70 10.03 13.22
N LYS E 55 -35.80 9.55 14.45
CA LYS E 55 -34.75 8.75 15.09
C LYS E 55 -35.38 7.44 15.50
N PRO E 56 -35.42 6.44 14.60
CA PRO E 56 -36.10 5.17 14.87
C PRO E 56 -35.23 4.20 15.67
N ASP E 57 -34.97 4.56 16.93
CA ASP E 57 -33.84 4.06 17.74
C ASP E 57 -33.65 2.55 17.77
N THR E 58 -34.52 1.80 18.47
CA THR E 58 -34.27 0.37 18.62
C THR E 58 -34.64 -0.44 17.38
N SER E 59 -35.46 0.09 16.50
CA SER E 59 -35.85 -0.69 15.32
C SER E 59 -34.78 -0.75 14.25
N VAL E 60 -33.87 0.21 14.21
CA VAL E 60 -32.81 0.19 13.20
C VAL E 60 -31.42 0.10 13.82
N CYS E 61 -31.22 0.52 15.07
CA CYS E 61 -29.90 0.50 15.66
C CYS E 61 -29.72 -0.83 16.39
N ARG E 62 -29.40 -1.83 15.60
CA ARG E 62 -29.33 -3.22 16.01
C ARG E 62 -28.42 -3.92 15.03
N PHE E 63 -27.87 -5.05 15.46
CA PHE E 63 -26.95 -5.77 14.60
C PHE E 63 -27.67 -6.50 13.48
N TYR E 64 -27.19 -6.30 12.26
CA TYR E 64 -27.65 -7.03 11.10
C TYR E 64 -26.51 -7.90 10.61
N THR E 65 -26.76 -9.19 10.48
CA THR E 65 -25.74 -10.13 10.04
C THR E 65 -25.86 -10.36 8.54
N LEU E 66 -24.78 -10.11 7.83
CA LEU E 66 -24.67 -10.36 6.40
C LEU E 66 -24.39 -11.85 6.16
N ASP E 67 -24.56 -12.25 4.91
CA ASP E 67 -24.19 -13.62 4.52
C ASP E 67 -22.70 -13.87 4.71
N SER E 68 -22.36 -15.07 5.16
CA SER E 68 -20.97 -15.37 5.44
C SER E 68 -20.21 -15.63 4.14
N LYS E 69 -18.96 -15.17 4.12
CA LYS E 69 -18.06 -15.46 3.02
C LYS E 69 -17.22 -16.67 3.37
N THR E 70 -16.55 -17.23 2.37
CA THR E 70 -15.70 -18.39 2.57
C THR E 70 -14.27 -17.99 2.26
N TRP E 71 -13.42 -17.97 3.28
CA TRP E 71 -12.02 -17.63 3.14
C TRP E 71 -11.25 -18.90 2.81
N THR E 72 -10.86 -19.02 1.56
CA THR E 72 -10.03 -20.12 1.11
C THR E 72 -8.59 -19.66 1.09
N THR E 73 -7.69 -20.56 0.73
CA THR E 73 -6.29 -20.21 0.70
C THR E 73 -5.92 -19.34 -0.49
N GLY E 74 -6.79 -19.20 -1.47
CA GLY E 74 -6.54 -18.29 -2.57
C GLY E 74 -7.46 -17.10 -2.59
N SER E 75 -8.09 -16.79 -1.47
CA SER E 75 -9.01 -15.65 -1.38
C SER E 75 -8.24 -14.34 -1.44
N LYS E 76 -8.78 -13.37 -2.16
CA LYS E 76 -8.16 -12.06 -2.25
C LYS E 76 -8.74 -11.05 -1.28
N GLY E 77 -10.00 -11.22 -0.88
CA GLY E 77 -10.62 -10.23 -0.03
C GLY E 77 -12.03 -9.86 -0.43
N TRP E 78 -12.68 -9.06 0.41
CA TRP E 78 -14.08 -8.72 0.24
C TRP E 78 -14.27 -7.26 0.61
N CYS E 79 -15.18 -6.59 -0.09
CA CYS E 79 -15.49 -5.20 0.18
C CYS E 79 -16.99 -5.02 0.25
N TRP E 80 -17.46 -4.34 1.29
CA TRP E 80 -18.85 -3.94 1.42
C TRP E 80 -18.92 -2.43 1.48
N LYS E 81 -20.03 -1.87 1.00
CA LYS E 81 -20.27 -0.44 1.07
C LYS E 81 -21.33 -0.13 2.13
N LEU E 82 -21.13 0.96 2.86
CA LEU E 82 -22.17 1.40 3.76
C LEU E 82 -22.68 2.76 3.34
N PRO E 83 -24.00 3.02 3.39
CA PRO E 83 -25.08 2.17 3.92
C PRO E 83 -25.62 1.10 2.97
N ASP E 84 -24.95 0.88 1.83
CA ASP E 84 -25.50 0.02 0.79
C ASP E 84 -25.66 -1.44 1.21
N ALA E 85 -24.77 -1.95 2.06
CA ALA E 85 -24.86 -3.34 2.50
C ALA E 85 -26.07 -3.60 3.37
N LEU E 86 -26.69 -2.56 3.92
CA LEU E 86 -27.83 -2.68 4.79
C LEU E 86 -29.13 -2.23 4.12
N LYS E 87 -29.14 -2.10 2.78
CA LYS E 87 -30.26 -1.49 2.09
C LYS E 87 -31.51 -2.36 2.07
N ASP E 88 -31.36 -3.65 2.37
CA ASP E 88 -32.49 -4.56 2.46
C ASP E 88 -32.63 -5.15 3.86
N MET E 89 -32.09 -4.47 4.87
CA MET E 89 -32.06 -4.99 6.24
C MET E 89 -33.18 -4.36 7.07
N GLY E 90 -34.34 -5.02 7.06
CA GLY E 90 -35.40 -4.72 8.01
C GLY E 90 -35.98 -3.33 7.85
N VAL E 91 -36.07 -2.62 8.97
CA VAL E 91 -36.63 -1.27 8.99
C VAL E 91 -35.58 -0.24 8.57
N PHE E 92 -34.29 -0.51 8.81
CA PHE E 92 -33.24 0.39 8.34
C PHE E 92 -33.22 0.48 6.82
N GLY E 93 -33.41 -0.67 6.16
CA GLY E 93 -33.47 -0.66 4.72
C GLY E 93 -34.71 0.02 4.18
N GLN E 94 -35.82 -0.05 4.91
CA GLN E 94 -37.03 0.63 4.45
C GLN E 94 -36.92 2.14 4.64
N ASN E 95 -36.38 2.59 5.76
CA ASN E 95 -36.23 4.02 6.01
C ASN E 95 -35.22 4.66 5.05
N MET E 96 -34.26 3.89 4.59
CA MET E 96 -33.24 4.38 3.68
C MET E 96 -33.82 4.77 2.32
N PHE E 97 -34.82 4.04 1.85
CA PHE E 97 -35.43 4.33 0.56
C PHE E 97 -36.63 5.27 0.64
N PHE E 98 -37.24 5.41 1.81
CA PHE E 98 -38.36 6.33 1.95
C PHE E 98 -37.94 7.74 2.32
N HIS E 99 -36.73 7.94 2.80
CA HIS E 99 -36.26 9.26 3.18
C HIS E 99 -35.28 9.78 2.17
N SER E 100 -35.38 11.07 1.90
CA SER E 100 -34.43 11.73 1.02
C SER E 100 -33.05 11.82 1.69
N LEU E 101 -33.01 11.95 3.00
CA LEU E 101 -31.78 12.22 3.72
C LEU E 101 -31.62 11.24 4.86
N GLY E 102 -30.37 11.02 5.24
CA GLY E 102 -30.07 10.15 6.34
C GLY E 102 -28.61 10.14 6.72
N ARG E 103 -28.35 10.03 8.02
CA ARG E 103 -27.00 9.90 8.52
C ARG E 103 -26.97 8.80 9.57
N SER E 104 -25.83 8.13 9.66
CA SER E 104 -25.72 7.00 10.57
C SER E 104 -24.25 6.74 10.85
N GLY E 105 -23.95 6.47 12.12
CA GLY E 105 -22.74 5.77 12.47
C GLY E 105 -22.93 4.26 12.41
N TYR E 106 -21.86 3.53 12.67
CA TYR E 106 -21.93 2.07 12.60
C TYR E 106 -21.03 1.43 13.65
N THR E 107 -21.50 0.31 14.19
CA THR E 107 -20.63 -0.66 14.82
C THR E 107 -20.48 -1.82 13.84
N VAL E 108 -19.24 -2.11 13.46
CA VAL E 108 -18.93 -3.18 12.53
C VAL E 108 -18.22 -4.29 13.30
N HIS E 109 -18.66 -5.52 13.09
CA HIS E 109 -18.10 -6.66 13.81
C HIS E 109 -17.81 -7.77 12.81
N VAL E 110 -16.53 -8.04 12.57
CA VAL E 110 -16.10 -9.07 11.65
C VAL E 110 -15.65 -10.28 12.46
N GLN E 111 -16.12 -11.46 12.08
CA GLN E 111 -16.00 -12.67 12.87
C GLN E 111 -15.35 -13.76 12.06
N CYS E 112 -14.29 -14.36 12.60
CA CYS E 112 -13.62 -15.48 11.94
C CYS E 112 -12.87 -16.28 13.01
N ASN E 113 -13.39 -17.44 13.36
CA ASN E 113 -12.68 -18.28 14.31
C ASN E 113 -12.07 -19.51 13.66
N ALA E 114 -11.07 -20.06 14.33
CA ALA E 114 -10.32 -21.20 13.88
C ALA E 114 -9.70 -21.85 15.11
N THR E 115 -8.77 -22.77 14.89
CA THR E 115 -8.10 -23.42 16.00
C THR E 115 -6.73 -22.78 16.25
N LYS E 116 -6.09 -23.24 17.32
CA LYS E 116 -4.70 -22.89 17.62
C LYS E 116 -3.70 -23.54 16.68
N PHE E 117 -4.16 -24.37 15.74
CA PHE E 117 -3.36 -24.96 14.69
C PHE E 117 -3.41 -24.15 13.40
N HIS E 118 -4.39 -23.27 13.27
CA HIS E 118 -4.56 -22.45 12.08
C HIS E 118 -3.71 -21.21 12.15
N SER E 119 -3.32 -20.71 10.99
CA SER E 119 -2.63 -19.44 10.89
C SER E 119 -3.20 -18.66 9.72
N GLY E 120 -3.04 -17.35 9.79
CA GLY E 120 -3.56 -16.46 8.77
C GLY E 120 -4.02 -15.18 9.43
N CYS E 121 -3.97 -14.10 8.67
CA CYS E 121 -4.26 -12.79 9.23
C CYS E 121 -5.15 -12.02 8.27
N LEU E 122 -6.26 -11.54 8.79
CA LEU E 122 -7.18 -10.70 8.04
C LEU E 122 -6.96 -9.24 8.45
N LEU E 123 -6.83 -8.37 7.46
CA LEU E 123 -6.95 -6.94 7.71
C LEU E 123 -8.42 -6.56 7.57
N VAL E 124 -8.96 -5.91 8.59
CA VAL E 124 -10.33 -5.40 8.58
C VAL E 124 -10.24 -3.89 8.64
N VAL E 125 -10.64 -3.20 7.59
CA VAL E 125 -10.41 -1.76 7.51
C VAL E 125 -11.68 -1.05 7.05
N VAL E 126 -11.89 0.13 7.60
CA VAL E 126 -12.97 1.02 7.20
C VAL E 126 -12.35 2.20 6.45
N ILE E 127 -12.82 2.42 5.22
CA ILE E 127 -12.27 3.47 4.37
C ILE E 127 -13.35 4.49 4.06
N PRO E 128 -13.23 5.72 4.56
CA PRO E 128 -14.19 6.77 4.18
C PRO E 128 -13.96 7.23 2.75
N GLU E 129 -15.07 7.37 2.01
CA GLU E 129 -15.11 7.77 0.60
C GLU E 129 -14.19 6.90 -0.25
N HIS E 130 -14.45 5.60 -0.23
CA HIS E 130 -13.62 4.66 -0.97
C HIS E 130 -14.05 4.67 -2.43
N GLN E 131 -13.56 5.66 -3.16
CA GLN E 131 -13.89 5.82 -4.57
C GLN E 131 -13.10 4.82 -5.38
N LEU E 132 -13.80 3.87 -5.99
CA LEU E 132 -13.17 2.74 -6.66
C LEU E 132 -12.68 3.14 -8.05
N ALA E 133 -11.68 2.43 -8.53
CA ALA E 133 -11.16 2.63 -9.87
C ALA E 133 -11.77 1.64 -10.83
N SER E 134 -11.93 2.06 -12.08
CA SER E 134 -12.33 1.17 -13.15
C SER E 134 -11.14 0.33 -13.59
N HIS E 135 -11.43 -0.88 -14.09
CA HIS E 135 -10.39 -1.70 -14.69
C HIS E 135 -10.12 -1.31 -16.13
N GLU E 136 -11.05 -0.61 -16.77
CA GLU E 136 -10.84 -0.21 -18.16
C GLU E 136 -9.83 0.93 -18.25
N GLY E 137 -9.57 1.64 -17.16
CA GLY E 137 -8.64 2.73 -17.16
C GLY E 137 -9.22 3.96 -17.82
N GLY E 138 -8.33 4.91 -18.12
CA GLY E 138 -8.73 6.12 -18.82
C GLY E 138 -9.68 6.96 -17.99
N ASN E 139 -10.82 7.29 -18.57
CA ASN E 139 -11.88 8.03 -17.89
C ASN E 139 -13.16 7.22 -17.74
N VAL E 140 -13.05 5.90 -17.76
CA VAL E 140 -14.23 5.04 -17.68
C VAL E 140 -14.80 5.06 -16.27
N SER E 141 -16.12 5.21 -16.18
CA SER E 141 -16.84 5.19 -14.93
C SER E 141 -17.11 3.76 -14.46
N VAL E 142 -17.40 3.62 -13.18
CA VAL E 142 -17.90 2.38 -12.62
C VAL E 142 -19.40 2.54 -12.42
N LYS E 143 -20.18 1.60 -12.95
CA LYS E 143 -21.63 1.72 -12.97
C LYS E 143 -22.22 1.52 -11.58
N TYR E 144 -23.50 1.93 -11.46
CA TYR E 144 -24.18 2.00 -10.17
C TYR E 144 -24.34 0.63 -9.52
N THR E 145 -24.67 -0.38 -10.32
CA THR E 145 -24.93 -1.71 -9.77
C THR E 145 -23.68 -2.39 -9.23
N PHE E 146 -22.49 -1.93 -9.62
CA PHE E 146 -21.27 -2.53 -9.12
C PHE E 146 -20.79 -1.88 -7.83
N THR E 147 -20.95 -0.57 -7.68
CA THR E 147 -20.63 0.05 -6.40
C THR E 147 -21.74 -0.06 -5.38
N HIS E 148 -22.89 -0.62 -5.76
CA HIS E 148 -23.99 -0.90 -4.85
C HIS E 148 -24.36 -2.38 -4.89
N PRO E 149 -23.50 -3.26 -4.36
CA PRO E 149 -23.79 -4.70 -4.46
C PRO E 149 -24.73 -5.23 -3.38
N GLY E 150 -24.99 -4.46 -2.31
CA GLY E 150 -25.86 -4.95 -1.26
C GLY E 150 -25.13 -5.78 -0.23
N GLU E 151 -25.84 -6.77 0.32
CA GLU E 151 -25.27 -7.64 1.36
C GLU E 151 -24.13 -8.51 0.85
N ARG E 152 -24.09 -8.83 -0.44
CA ARG E 152 -23.07 -9.74 -0.94
C ARG E 152 -21.72 -9.06 -1.06
N GLY E 153 -21.69 -7.74 -1.15
CA GLY E 153 -20.44 -7.06 -1.30
C GLY E 153 -19.75 -7.32 -2.63
N ILE E 154 -18.46 -7.02 -2.65
CA ILE E 154 -17.62 -7.22 -3.81
C ILE E 154 -16.58 -8.27 -3.46
N ASP E 155 -16.56 -9.37 -4.20
CA ASP E 155 -15.53 -10.38 -4.06
C ASP E 155 -14.32 -9.95 -4.88
N LEU E 156 -13.19 -9.72 -4.20
CA LEU E 156 -12.01 -9.22 -4.89
C LEU E 156 -11.26 -10.30 -5.65
N SER E 157 -11.64 -11.56 -5.52
CA SER E 157 -11.08 -12.61 -6.35
C SER E 157 -11.94 -12.92 -7.58
N SER E 158 -13.09 -12.26 -7.72
CA SER E 158 -13.92 -12.46 -8.90
C SER E 158 -13.38 -11.66 -10.08
N ALA E 159 -13.83 -12.03 -11.27
CA ALA E 159 -13.30 -11.47 -12.51
C ALA E 159 -13.88 -10.08 -12.77
N ASN E 160 -13.16 -9.32 -13.59
CA ASN E 160 -13.61 -8.00 -14.01
C ASN E 160 -14.83 -8.12 -14.91
N GLU E 161 -15.70 -7.13 -14.80
CA GLU E 161 -16.91 -7.07 -15.60
C GLU E 161 -17.00 -5.70 -16.24
N VAL E 162 -17.86 -5.59 -17.26
CA VAL E 162 -18.01 -4.34 -17.99
C VAL E 162 -18.74 -3.33 -17.11
N GLY E 163 -18.13 -2.17 -16.94
CA GLY E 163 -18.66 -1.15 -16.07
C GLY E 163 -18.38 -1.36 -14.60
N GLY E 164 -17.62 -2.39 -14.24
CA GLY E 164 -17.35 -2.70 -12.86
C GLY E 164 -16.00 -2.18 -12.41
N PRO E 165 -15.72 -2.30 -11.12
CA PRO E 165 -14.46 -1.79 -10.59
C PRO E 165 -13.30 -2.72 -10.91
N VAL E 166 -12.09 -2.17 -10.82
CA VAL E 166 -10.91 -3.01 -10.79
C VAL E 166 -10.85 -3.72 -9.44
N LYS E 167 -10.35 -4.94 -9.44
CA LYS E 167 -10.36 -5.80 -8.26
C LYS E 167 -8.96 -6.28 -7.91
N ASP E 168 -7.98 -5.39 -8.01
CA ASP E 168 -6.61 -5.69 -7.62
C ASP E 168 -6.44 -5.31 -6.16
N VAL E 169 -6.26 -6.32 -5.31
CA VAL E 169 -6.25 -6.06 -3.86
C VAL E 169 -4.95 -5.36 -3.46
N ILE E 170 -3.87 -5.53 -4.22
CA ILE E 170 -2.62 -4.86 -3.92
C ILE E 170 -2.73 -3.35 -4.13
N TYR E 171 -3.65 -2.90 -4.97
CA TYR E 171 -3.81 -1.48 -5.21
C TYR E 171 -5.11 -0.92 -4.61
N ASN E 172 -5.73 -1.66 -3.68
CA ASN E 172 -6.88 -1.23 -2.87
C ASN E 172 -8.10 -0.83 -3.70
N MET E 173 -8.16 -1.30 -4.95
CA MET E 173 -9.15 -0.95 -5.96
C MET E 173 -9.14 0.54 -6.32
N ASN E 174 -8.12 1.30 -5.91
CA ASN E 174 -8.12 2.74 -6.15
C ASN E 174 -6.75 3.31 -6.50
N GLY E 175 -5.72 2.49 -6.65
CA GLY E 175 -4.41 3.00 -7.00
C GLY E 175 -3.53 3.41 -5.85
N THR E 176 -3.76 2.88 -4.65
CA THR E 176 -2.92 3.12 -3.48
C THR E 176 -2.53 1.76 -2.92
N LEU E 177 -1.35 1.66 -2.33
CA LEU E 177 -0.86 0.34 -1.95
C LEU E 177 -1.52 -0.21 -0.67
N LEU E 178 -1.62 -1.54 -0.65
CA LEU E 178 -2.31 -2.29 0.41
C LEU E 178 -1.71 -2.02 1.79
N GLY E 179 -0.39 -1.93 1.87
CA GLY E 179 0.27 -1.72 3.15
C GLY E 179 -0.03 -0.40 3.81
N ASN E 180 -0.51 0.58 3.05
CA ASN E 180 -0.80 1.90 3.59
C ASN E 180 -2.26 2.09 3.96
N LEU E 181 -3.07 1.03 3.92
CA LEU E 181 -4.45 1.12 4.41
C LEU E 181 -4.53 1.30 5.92
N LEU E 182 -3.44 1.11 6.65
CA LEU E 182 -3.45 1.17 8.09
C LEU E 182 -3.52 2.60 8.63
N ILE E 183 -3.42 3.61 7.76
CA ILE E 183 -3.78 4.96 8.16
C ILE E 183 -5.29 5.09 8.36
N PHE E 184 -6.09 4.25 7.73
CA PHE E 184 -7.51 4.20 7.99
C PHE E 184 -7.74 3.41 9.27
N PRO E 185 -8.88 3.61 9.95
CA PRO E 185 -9.19 2.82 11.14
C PRO E 185 -9.34 1.34 10.80
N HIS E 186 -8.68 0.51 11.58
CA HIS E 186 -8.55 -0.88 11.22
C HIS E 186 -8.31 -1.72 12.45
N GLN E 187 -8.57 -3.02 12.29
CA GLN E 187 -8.05 -4.05 13.17
C GLN E 187 -7.57 -5.22 12.33
N PHE E 188 -6.70 -6.01 12.92
CA PHE E 188 -6.36 -7.31 12.36
C PHE E 188 -7.12 -8.41 13.06
N ILE E 189 -7.55 -9.40 12.28
CA ILE E 189 -7.90 -10.70 12.84
C ILE E 189 -6.75 -11.64 12.54
N ASN E 190 -5.83 -11.73 13.49
CA ASN E 190 -4.75 -12.69 13.46
C ASN E 190 -5.25 -13.92 14.22
N LEU E 191 -5.36 -15.06 13.53
CA LEU E 191 -6.07 -16.22 14.05
C LEU E 191 -5.41 -16.77 15.31
N ARG E 192 -4.10 -16.59 15.42
CA ARG E 192 -3.35 -16.85 16.64
C ARG E 192 -3.87 -16.05 17.83
N THR E 193 -4.21 -14.78 17.60
CA THR E 193 -4.50 -13.84 18.67
C THR E 193 -5.99 -13.66 18.91
N ASN E 194 -6.73 -13.26 17.88
CA ASN E 194 -8.13 -12.89 18.04
C ASN E 194 -8.96 -13.54 16.95
N ASN E 195 -10.26 -13.68 17.22
CA ASN E 195 -11.20 -14.14 16.22
C ASN E 195 -12.22 -13.08 15.81
N THR E 196 -12.22 -11.92 16.45
CA THR E 196 -13.16 -10.85 16.13
C THR E 196 -12.43 -9.53 15.98
N ALA E 197 -12.91 -8.73 15.04
CA ALA E 197 -12.54 -7.33 14.91
C ALA E 197 -13.79 -6.49 15.10
N THR E 198 -13.67 -5.41 15.85
CA THR E 198 -14.77 -4.51 16.12
C THR E 198 -14.34 -3.08 15.82
N ILE E 199 -15.08 -2.39 14.96
CA ILE E 199 -14.76 -1.03 14.58
C ILE E 199 -16.02 -0.18 14.71
N VAL E 200 -15.95 0.86 15.52
CA VAL E 200 -17.06 1.79 15.71
C VAL E 200 -16.82 3.02 14.85
N ILE E 201 -17.70 3.26 13.89
CA ILE E 201 -17.54 4.29 12.88
C ILE E 201 -18.51 5.42 13.19
N PRO E 202 -18.05 6.66 13.33
CA PRO E 202 -18.99 7.78 13.38
C PRO E 202 -19.40 8.16 11.96
N TYR E 203 -20.38 9.05 11.88
CA TYR E 203 -20.77 9.60 10.59
C TYR E 203 -19.68 10.54 10.10
N ILE E 204 -19.11 10.23 8.94
CA ILE E 204 -18.00 10.97 8.36
C ILE E 204 -18.45 11.45 7.00
N ASN E 205 -18.57 12.78 6.85
CA ASN E 205 -19.02 13.37 5.61
C ASN E 205 -18.72 14.86 5.65
N SER E 206 -18.64 15.47 4.47
CA SER E 206 -18.52 16.93 4.38
C SER E 206 -19.86 17.65 4.48
N VAL E 207 -20.98 16.93 4.52
CA VAL E 207 -22.29 17.52 4.68
C VAL E 207 -22.88 16.99 5.99
N PRO E 208 -23.81 17.70 6.64
CA PRO E 208 -24.35 17.22 7.92
C PRO E 208 -25.16 15.94 7.80
N ILE E 209 -25.89 15.80 6.71
CA ILE E 209 -26.74 14.65 6.46
C ILE E 209 -26.68 14.47 4.96
N ASP E 210 -27.03 13.30 4.45
CA ASP E 210 -26.80 13.09 3.03
C ASP E 210 -27.79 12.08 2.48
N SER E 211 -27.87 12.03 1.15
CA SER E 211 -28.60 10.97 0.49
C SER E 211 -27.93 9.63 0.72
N MET E 212 -28.71 8.62 1.03
CA MET E 212 -28.12 7.34 1.40
C MET E 212 -28.05 6.36 0.25
N THR E 213 -28.78 6.58 -0.84
CA THR E 213 -28.77 5.65 -1.95
C THR E 213 -27.82 6.04 -3.07
N ARG E 214 -27.45 7.30 -3.20
CA ARG E 214 -26.55 7.72 -4.27
C ARG E 214 -25.12 7.85 -3.80
N HIS E 215 -24.86 7.66 -2.51
CA HIS E 215 -23.56 7.91 -1.92
C HIS E 215 -23.29 6.85 -0.86
N ASN E 216 -22.12 6.25 -0.92
CA ASN E 216 -21.66 5.38 0.15
C ASN E 216 -20.60 6.11 0.96
N ASN E 217 -20.89 6.31 2.24
CA ASN E 217 -20.01 7.09 3.12
C ASN E 217 -18.69 6.37 3.35
N VAL E 218 -18.75 5.08 3.70
CA VAL E 218 -17.56 4.30 4.02
C VAL E 218 -17.63 2.96 3.31
N SER E 219 -16.48 2.32 3.19
CA SER E 219 -16.44 0.94 2.76
C SER E 219 -15.68 0.12 3.78
N LEU E 220 -16.19 -1.08 4.04
CA LEU E 220 -15.51 -2.07 4.85
C LEU E 220 -14.77 -3.03 3.94
N MET E 221 -13.46 -3.14 4.13
CA MET E 221 -12.69 -4.15 3.43
C MET E 221 -12.17 -5.17 4.42
N VAL E 222 -12.28 -6.44 4.04
CA VAL E 222 -11.72 -7.55 4.80
C VAL E 222 -10.77 -8.27 3.87
N ILE E 223 -9.48 -8.20 4.18
CA ILE E 223 -8.43 -8.58 3.26
C ILE E 223 -7.50 -9.58 3.93
N PRO E 224 -7.36 -10.79 3.40
CA PRO E 224 -6.31 -11.69 3.89
C PRO E 224 -4.93 -11.14 3.54
N ILE E 225 -4.08 -11.01 4.55
CA ILE E 225 -2.72 -10.56 4.33
C ILE E 225 -1.82 -11.78 4.44
N ALA E 226 -1.74 -12.34 5.63
CA ALA E 226 -1.14 -13.66 5.75
C ALA E 226 -2.17 -14.69 5.30
N PRO E 227 -1.84 -15.53 4.34
CA PRO E 227 -2.86 -16.43 3.78
C PRO E 227 -3.25 -17.50 4.79
N LEU E 228 -4.47 -18.00 4.61
CA LEU E 228 -5.00 -19.03 5.48
C LEU E 228 -4.21 -20.33 5.34
N THR E 229 -3.60 -20.77 6.43
CA THR E 229 -2.96 -22.07 6.48
C THR E 229 -3.70 -22.92 7.49
N VAL E 230 -4.24 -24.04 7.04
CA VAL E 230 -5.00 -24.95 7.88
C VAL E 230 -4.08 -26.10 8.25
N PRO E 231 -4.33 -26.82 9.35
CA PRO E 231 -3.57 -28.05 9.59
C PRO E 231 -3.89 -29.12 8.57
N THR E 232 -3.00 -30.11 8.48
CA THR E 232 -3.10 -31.09 7.40
C THR E 232 -4.31 -32.00 7.62
N GLY E 233 -4.99 -32.31 6.51
CA GLY E 233 -6.26 -33.01 6.57
C GLY E 233 -7.46 -32.16 6.90
N ALA E 234 -7.28 -30.93 7.40
CA ALA E 234 -8.41 -30.11 7.76
C ALA E 234 -9.04 -29.48 6.53
N THR E 235 -10.26 -28.98 6.71
CA THR E 235 -10.96 -28.26 5.66
C THR E 235 -10.18 -27.00 5.29
N PRO E 236 -9.88 -26.77 4.01
CA PRO E 236 -8.97 -25.67 3.65
C PRO E 236 -9.64 -24.30 3.63
N SER E 237 -10.80 -24.16 4.24
CA SER E 237 -11.53 -22.90 4.21
C SER E 237 -12.03 -22.56 5.60
N LEU E 238 -12.21 -21.27 5.83
CA LEU E 238 -12.83 -20.69 7.01
C LEU E 238 -13.96 -19.77 6.60
N PRO E 239 -15.04 -19.73 7.36
CA PRO E 239 -16.06 -18.71 7.11
C PRO E 239 -15.75 -17.39 7.81
N ILE E 240 -16.06 -16.30 7.12
CA ILE E 240 -15.99 -14.96 7.69
C ILE E 240 -17.39 -14.39 7.71
N THR E 241 -17.81 -13.90 8.87
CA THR E 241 -19.13 -13.33 9.02
C THR E 241 -19.01 -11.87 9.43
N VAL E 242 -19.70 -11.00 8.70
CA VAL E 242 -19.76 -9.58 9.00
C VAL E 242 -21.11 -9.26 9.62
N THR E 243 -21.10 -8.57 10.74
CA THR E 243 -22.31 -8.10 11.38
C THR E 243 -22.19 -6.61 11.66
N ILE E 244 -23.18 -5.84 11.23
CA ILE E 244 -23.11 -4.38 11.25
C ILE E 244 -24.34 -3.84 11.97
N ALA E 245 -24.12 -2.93 12.92
CA ALA E 245 -25.21 -2.23 13.57
C ALA E 245 -25.14 -0.75 13.25
N PRO E 246 -26.16 -0.17 12.64
CA PRO E 246 -26.24 1.29 12.56
C PRO E 246 -26.42 1.88 13.95
N MET E 247 -26.02 3.13 14.12
CA MET E 247 -26.14 3.76 15.42
C MET E 247 -26.20 5.27 15.26
N CYS E 248 -26.95 5.90 16.17
CA CYS E 248 -27.33 7.31 16.13
C CYS E 248 -27.93 7.68 14.78
N THR E 249 -28.89 6.88 14.36
CA THR E 249 -29.39 6.94 13.00
C THR E 249 -30.51 7.96 12.89
N GLU E 250 -30.37 8.89 11.96
CA GLU E 250 -31.39 9.90 11.68
C GLU E 250 -31.86 9.79 10.25
N PHE E 251 -33.12 10.13 10.03
CA PHE E 251 -33.69 10.19 8.71
C PHE E 251 -34.51 11.46 8.56
N SER E 252 -34.37 12.10 7.42
CA SER E 252 -35.06 13.35 7.16
C SER E 252 -35.63 13.32 5.75
N GLY E 253 -36.71 14.06 5.55
CA GLY E 253 -37.31 14.17 4.24
C GLY E 253 -38.06 12.93 3.81
N ILE E 254 -39.11 12.58 4.53
CA ILE E 254 -39.94 11.43 4.17
C ILE E 254 -40.73 11.76 2.91
N ARG E 255 -40.77 10.79 1.99
CA ARG E 255 -41.52 10.88 0.75
C ARG E 255 -41.81 9.46 0.29
N SER E 256 -42.22 9.32 -0.96
CA SER E 256 -42.37 8.03 -1.60
C SER E 256 -41.04 7.29 -1.67
N LYS E 257 -41.13 5.99 -1.94
CA LYS E 257 -39.96 5.14 -1.94
C LYS E 257 -39.13 5.37 -3.19
N SER E 258 -37.82 5.57 -3.00
CA SER E 258 -36.90 5.73 -4.13
C SER E 258 -36.82 4.44 -4.94
N ILE E 259 -36.67 4.60 -6.26
CA ILE E 259 -36.44 3.47 -7.15
C ILE E 259 -35.01 3.58 -7.67
N VAL E 260 -34.20 2.58 -7.36
CA VAL E 260 -32.78 2.57 -7.73
C VAL E 260 -32.58 1.43 -8.73
N PRO E 261 -31.47 1.46 -9.52
CA PRO E 261 -31.20 0.33 -10.43
C PRO E 261 -30.90 -0.99 -9.73
N GLN E 262 -31.82 -1.95 -9.85
CA GLN E 262 -31.72 -3.24 -9.16
C GLN E 262 -32.66 -4.26 -9.78
N TYR F 32 -7.55 44.36 3.26
CA TYR F 32 -8.77 44.20 2.48
C TYR F 32 -9.96 43.94 3.40
N LYS F 33 -11.11 43.63 2.81
CA LYS F 33 -12.35 43.47 3.56
C LYS F 33 -12.75 42.02 3.74
N ASP F 34 -12.00 41.08 3.19
CA ASP F 34 -12.41 39.70 3.09
C ASP F 34 -11.40 38.80 3.80
N ALA F 35 -11.90 37.78 4.50
CA ALA F 35 -11.04 36.83 5.19
C ALA F 35 -10.23 35.97 4.23
N ALA F 36 -10.70 35.82 2.99
CA ALA F 36 -9.96 35.13 1.95
C ALA F 36 -8.71 35.88 1.54
N SER F 37 -8.68 37.19 1.73
CA SER F 37 -7.55 37.99 1.29
C SER F 37 -6.31 37.80 2.14
N THR F 38 -6.44 37.32 3.38
CA THR F 38 -5.31 37.36 4.30
C THR F 38 -4.31 36.24 3.99
N SER F 39 -3.19 36.31 4.68
CA SER F 39 -2.09 35.37 4.44
C SER F 39 -2.32 34.11 5.26
N SER F 40 -1.30 33.25 5.32
CA SER F 40 -1.43 31.93 5.93
C SER F 40 -1.65 32.02 7.44
N ALA F 41 -2.34 31.00 7.97
CA ALA F 41 -2.70 31.00 9.38
C ALA F 41 -1.48 30.83 10.28
N GLY F 42 -0.65 29.86 9.98
CA GLY F 42 0.44 29.49 10.86
C GLY F 42 0.16 28.17 11.54
N GLN F 43 1.09 27.80 12.42
CA GLN F 43 1.05 26.49 13.04
C GLN F 43 -0.04 26.45 14.10
N SER F 44 -0.82 25.36 14.12
CA SER F 44 -1.93 25.27 15.04
C SER F 44 -1.50 24.91 16.46
N LEU F 45 -0.38 24.18 16.58
CA LEU F 45 0.14 23.59 17.84
C LEU F 45 -0.94 22.82 18.62
N SER F 46 -1.89 22.21 17.92
CA SER F 46 -2.80 21.26 18.56
C SER F 46 -2.13 19.90 18.70
N MET F 47 -1.84 19.26 17.56
CA MET F 47 -0.90 18.14 17.42
C MET F 47 -1.30 16.95 18.29
N ASP F 48 -2.46 16.37 17.98
CA ASP F 48 -2.89 15.16 18.64
C ASP F 48 -2.77 13.98 17.70
N PRO F 49 -1.71 13.18 17.79
CA PRO F 49 -1.68 11.93 17.01
C PRO F 49 -2.50 10.80 17.62
N SER F 50 -3.08 11.00 18.81
CA SER F 50 -3.78 9.91 19.49
C SER F 50 -5.06 9.50 18.79
N LYS F 51 -5.71 10.43 18.08
CA LYS F 51 -6.90 10.06 17.33
C LYS F 51 -6.58 9.16 16.14
N PHE F 52 -5.32 9.15 15.68
CA PHE F 52 -4.91 8.26 14.61
C PHE F 52 -4.08 7.07 15.10
N THR F 53 -3.32 7.23 16.18
CA THR F 53 -2.42 6.17 16.64
C THR F 53 -3.01 5.29 17.74
N GLU F 54 -3.86 5.84 18.60
CA GLU F 54 -4.54 5.04 19.63
C GLU F 54 -6.05 5.25 19.56
N PRO F 55 -6.74 4.86 18.43
CA PRO F 55 -8.18 5.09 18.33
C PRO F 55 -8.99 3.95 18.94
N VAL F 56 -8.60 3.50 20.11
CA VAL F 56 -9.19 2.32 20.72
C VAL F 56 -10.12 2.74 21.84
N LYS F 57 -11.13 1.92 22.07
CA LYS F 57 -12.14 2.22 23.08
C LYS F 57 -11.56 2.10 24.49
N ASP F 58 -10.94 0.99 24.82
CA ASP F 58 -10.33 0.79 26.12
C ASP F 58 -8.91 1.31 26.07
N LEU F 59 -8.54 2.13 27.06
CA LEU F 59 -7.19 2.66 27.17
C LEU F 59 -6.17 1.54 27.33
N MET F 60 -5.12 1.59 26.53
CA MET F 60 -4.03 0.64 26.62
C MET F 60 -2.79 1.36 27.09
N LEU F 61 -2.34 1.04 28.30
CA LEU F 61 -1.15 1.67 28.82
C LEU F 61 0.09 1.05 28.19
N LYS F 62 1.10 1.89 28.00
CA LYS F 62 2.40 1.42 27.57
C LYS F 62 3.03 0.63 28.71
N GLY F 63 3.45 -0.60 28.43
CA GLY F 63 4.02 -1.47 29.43
C GLY F 63 3.03 -2.49 29.98
N ALA F 64 1.74 -2.17 29.97
CA ALA F 64 0.74 -3.12 30.38
C ALA F 64 0.57 -4.18 29.29
N PRO F 65 0.10 -5.37 29.64
CA PRO F 65 -0.29 -6.33 28.61
C PRO F 65 -1.40 -5.78 27.74
N ALA F 66 -1.27 -5.99 26.43
CA ALA F 66 -2.22 -5.41 25.49
C ALA F 66 -3.57 -6.07 25.60
N LEU F 67 -3.59 -7.38 25.85
CA LEU F 67 -4.81 -8.15 26.00
C LEU F 67 -4.66 -9.03 27.23
N ASN F 68 -5.64 -9.00 28.13
CA ASN F 68 -5.61 -9.81 29.34
C ASN F 68 -5.72 -11.30 29.04
#